data_2K9H
#
_entry.id   2K9H
#
loop_
_entity.id
_entity.type
_entity.pdbx_description
1 polymer Glycoprotein
2 non-polymer 'ZINC ION'
#
_entity_poly.entity_id   1
_entity_poly.type   'polypeptide(L)'
_entity_poly.pdbx_seq_one_letter_code
;MGSMVCDVCHHECETAKELESHRQSCINGQCPYCMTITEATESALQAHYSICKLTGR
;
_entity_poly.pdbx_strand_id   A
#
# COMPACT_ATOMS: atom_id res chain seq x y z
N MET A 1 5.93 -9.71 8.94
CA MET A 1 4.45 -9.76 8.75
C MET A 1 3.72 -9.47 10.07
N GLY A 2 2.51 -8.91 10.01
CA GLY A 2 1.67 -8.60 11.17
C GLY A 2 0.25 -8.19 10.78
N SER A 3 -0.63 -8.05 11.77
CA SER A 3 -2.05 -7.66 11.63
C SER A 3 -2.31 -6.28 11.01
N MET A 4 -1.28 -5.47 10.80
CA MET A 4 -1.33 -4.11 10.26
C MET A 4 -0.40 -3.91 9.04
N VAL A 5 0.04 -5.01 8.39
CA VAL A 5 1.00 -5.00 7.27
C VAL A 5 0.44 -5.65 6.00
N CYS A 6 0.71 -5.04 4.84
CA CYS A 6 0.25 -5.48 3.52
C CYS A 6 0.89 -6.80 3.05
N ASP A 7 0.11 -7.63 2.34
CA ASP A 7 0.54 -8.91 1.76
C ASP A 7 1.50 -8.76 0.55
N VAL A 8 1.61 -7.58 -0.07
CA VAL A 8 2.44 -7.32 -1.26
C VAL A 8 3.63 -6.39 -0.97
N CYS A 9 3.38 -5.13 -0.60
CA CYS A 9 4.44 -4.16 -0.33
C CYS A 9 5.09 -4.28 1.05
N HIS A 10 4.52 -5.11 1.94
CA HIS A 10 4.96 -5.33 3.31
C HIS A 10 5.12 -4.02 4.15
N HIS A 11 4.33 -3.01 3.79
CA HIS A 11 4.25 -1.70 4.45
C HIS A 11 2.96 -1.61 5.29
N GLU A 12 2.90 -0.65 6.21
CA GLU A 12 1.74 -0.36 7.05
C GLU A 12 0.65 0.45 6.32
N CYS A 13 -0.54 0.51 6.93
CA CYS A 13 -1.70 1.29 6.50
C CYS A 13 -2.31 2.00 7.72
N GLU A 14 -3.13 3.04 7.51
CA GLU A 14 -3.75 3.80 8.61
C GLU A 14 -4.74 2.98 9.46
N THR A 15 -5.40 1.98 8.87
CA THR A 15 -6.38 1.10 9.55
C THR A 15 -6.26 -0.35 9.08
N ALA A 16 -6.73 -1.30 9.89
CA ALA A 16 -6.77 -2.72 9.54
C ALA A 16 -7.84 -3.05 8.48
N LYS A 17 -8.78 -2.13 8.22
CA LYS A 17 -9.86 -2.27 7.23
C LYS A 17 -9.42 -1.79 5.84
N GLU A 18 -8.69 -0.67 5.77
CA GLU A 18 -8.13 -0.14 4.52
C GLU A 18 -6.97 -1.03 4.01
N LEU A 19 -6.33 -1.77 4.91
CA LEU A 19 -5.27 -2.74 4.61
C LEU A 19 -5.68 -3.79 3.55
N GLU A 20 -6.95 -4.18 3.55
CA GLU A 20 -7.53 -5.11 2.58
C GLU A 20 -7.64 -4.49 1.17
N SER A 21 -7.85 -3.17 1.09
CA SER A 21 -7.86 -2.42 -0.17
C SER A 21 -6.42 -2.14 -0.63
N HIS A 22 -5.49 -1.89 0.32
CA HIS A 22 -4.07 -1.65 0.09
C HIS A 22 -3.46 -2.76 -0.78
N ARG A 23 -3.52 -4.01 -0.31
CA ARG A 23 -3.02 -5.19 -1.04
C ARG A 23 -3.62 -5.38 -2.44
N GLN A 24 -4.91 -5.08 -2.63
CA GLN A 24 -5.60 -5.18 -3.92
C GLN A 24 -5.15 -4.11 -4.94
N SER A 25 -4.53 -3.01 -4.48
CA SER A 25 -3.95 -1.98 -5.35
C SER A 25 -2.46 -2.28 -5.56
N CYS A 26 -1.73 -2.71 -4.53
CA CYS A 26 -0.32 -3.13 -4.60
C CYS A 26 -0.07 -4.24 -5.62
N ILE A 27 -0.94 -5.26 -5.67
CA ILE A 27 -0.84 -6.38 -6.62
C ILE A 27 -0.89 -5.90 -8.10
N ASN A 28 -1.40 -4.68 -8.33
CA ASN A 28 -1.50 -3.99 -9.62
C ASN A 28 -0.52 -2.79 -9.73
N GLY A 29 0.36 -2.59 -8.74
CA GLY A 29 1.36 -1.51 -8.68
C GLY A 29 0.79 -0.10 -8.40
N GLN A 30 -0.42 0.01 -7.84
CA GLN A 30 -1.13 1.25 -7.60
C GLN A 30 -1.39 1.55 -6.11
N CYS A 31 -1.54 2.84 -5.76
CA CYS A 31 -1.92 3.28 -4.41
C CYS A 31 -3.45 3.21 -4.24
N PRO A 32 -3.99 2.72 -3.10
CA PRO A 32 -5.44 2.60 -2.88
C PRO A 32 -6.25 3.91 -2.83
N TYR A 33 -5.62 5.08 -2.72
CA TYR A 33 -6.35 6.36 -2.61
C TYR A 33 -5.84 7.53 -3.48
N CYS A 34 -4.53 7.77 -3.60
CA CYS A 34 -4.04 8.85 -4.49
C CYS A 34 -3.96 8.39 -5.98
N MET A 35 -4.21 7.09 -6.21
CA MET A 35 -4.24 6.39 -7.50
C MET A 35 -2.93 6.39 -8.30
N THR A 36 -1.82 6.88 -7.74
CA THR A 36 -0.48 6.86 -8.36
C THR A 36 -0.08 5.42 -8.71
N ILE A 37 0.60 5.22 -9.84
CA ILE A 37 1.04 3.89 -10.34
C ILE A 37 2.57 3.85 -10.49
N THR A 38 3.13 2.71 -10.11
CA THR A 38 4.57 2.36 -10.17
C THR A 38 4.70 0.84 -10.38
N GLU A 39 5.90 0.26 -10.25
CA GLU A 39 6.10 -1.19 -10.39
C GLU A 39 5.40 -1.97 -9.25
N ALA A 40 4.83 -3.14 -9.56
CA ALA A 40 4.13 -4.01 -8.59
C ALA A 40 5.09 -4.82 -7.70
N THR A 41 6.18 -4.21 -7.24
CA THR A 41 7.23 -4.79 -6.39
C THR A 41 7.32 -4.05 -5.07
N GLU A 42 7.70 -4.75 -3.99
CA GLU A 42 7.78 -4.13 -2.67
C GLU A 42 8.75 -2.93 -2.62
N SER A 43 9.86 -2.99 -3.35
CA SER A 43 10.86 -1.91 -3.42
C SER A 43 10.28 -0.61 -3.98
N ALA A 44 9.46 -0.68 -5.02
CA ALA A 44 8.82 0.47 -5.64
C ALA A 44 7.62 0.99 -4.81
N LEU A 45 6.80 0.06 -4.30
CA LEU A 45 5.63 0.39 -3.47
C LEU A 45 6.06 1.01 -2.13
N GLN A 46 7.10 0.49 -1.46
CA GLN A 46 7.65 1.09 -0.23
C GLN A 46 8.16 2.51 -0.47
N ALA A 47 8.82 2.77 -1.60
CA ALA A 47 9.28 4.12 -1.97
C ALA A 47 8.11 5.10 -2.10
N HIS A 48 6.96 4.65 -2.64
CA HIS A 48 5.74 5.45 -2.73
C HIS A 48 5.09 5.68 -1.36
N TYR A 49 4.82 4.61 -0.60
CA TYR A 49 4.18 4.72 0.72
C TYR A 49 5.04 5.44 1.77
N SER A 50 6.36 5.56 1.57
CA SER A 50 7.23 6.38 2.44
C SER A 50 6.89 7.87 2.37
N ILE A 51 6.19 8.32 1.31
CA ILE A 51 5.76 9.71 1.07
C ILE A 51 4.24 9.88 0.91
N CYS A 52 3.45 8.81 1.02
CA CYS A 52 1.99 8.80 0.89
C CYS A 52 1.28 8.26 2.15
N LYS A 53 0.33 9.05 2.65
CA LYS A 53 -0.56 8.72 3.80
C LYS A 53 -2.05 8.92 3.49
N LEU A 54 -2.38 9.21 2.22
CA LEU A 54 -3.77 9.29 1.74
C LEU A 54 -4.45 7.90 1.78
N THR A 55 -3.65 6.83 1.92
CA THR A 55 -3.99 5.41 2.02
C THR A 55 -5.13 5.05 3.00
N GLY A 56 -5.48 5.97 3.89
CA GLY A 56 -6.60 5.88 4.84
C GLY A 56 -7.01 7.25 5.39
N ARG A 57 -6.92 8.31 4.54
CA ARG A 57 -7.24 9.71 4.89
C ARG A 57 -8.11 10.39 3.82
N MET A 1 6.56 -8.60 9.80
CA MET A 1 5.25 -9.28 9.66
C MET A 1 4.34 -8.94 10.84
N GLY A 2 3.06 -8.66 10.58
CA GLY A 2 2.06 -8.33 11.59
C GLY A 2 0.64 -8.24 11.04
N SER A 3 -0.37 -8.23 11.92
CA SER A 3 -1.80 -8.17 11.58
C SER A 3 -2.29 -6.87 10.91
N MET A 4 -1.46 -5.82 10.90
CA MET A 4 -1.76 -4.50 10.32
C MET A 4 -0.77 -4.11 9.20
N VAL A 5 -0.21 -5.11 8.50
CA VAL A 5 0.82 -4.96 7.45
C VAL A 5 0.39 -5.66 6.16
N CYS A 6 0.62 -5.02 5.01
CA CYS A 6 0.27 -5.50 3.67
C CYS A 6 0.95 -6.83 3.28
N ASP A 7 0.29 -7.59 2.39
CA ASP A 7 0.78 -8.87 1.87
C ASP A 7 1.72 -8.71 0.65
N VAL A 8 1.86 -7.51 0.07
CA VAL A 8 2.67 -7.23 -1.13
C VAL A 8 3.82 -6.26 -0.85
N CYS A 9 3.53 -5.03 -0.43
CA CYS A 9 4.56 -4.03 -0.11
C CYS A 9 5.11 -4.14 1.33
N HIS A 10 4.50 -5.00 2.14
CA HIS A 10 4.83 -5.21 3.56
C HIS A 10 4.97 -3.92 4.40
N HIS A 11 4.13 -2.94 4.09
CA HIS A 11 4.02 -1.65 4.75
C HIS A 11 2.67 -1.55 5.50
N GLU A 12 2.58 -0.64 6.47
CA GLU A 12 1.36 -0.37 7.22
C GLU A 12 0.32 0.44 6.40
N CYS A 13 -0.89 0.55 6.94
CA CYS A 13 -2.01 1.34 6.41
C CYS A 13 -2.64 2.14 7.56
N GLU A 14 -3.34 3.24 7.27
CA GLU A 14 -3.97 4.09 8.29
C GLU A 14 -5.00 3.35 9.17
N THR A 15 -5.65 2.30 8.64
CA THR A 15 -6.60 1.44 9.38
C THR A 15 -6.43 -0.03 9.00
N ALA A 16 -6.86 -0.95 9.88
CA ALA A 16 -6.81 -2.39 9.63
C ALA A 16 -7.88 -2.87 8.61
N LYS A 17 -8.87 -2.01 8.28
CA LYS A 17 -9.94 -2.30 7.31
C LYS A 17 -9.53 -1.88 5.89
N GLU A 18 -8.94 -0.69 5.74
CA GLU A 18 -8.44 -0.20 4.46
C GLU A 18 -7.20 -0.99 3.98
N LEU A 19 -6.59 -1.77 4.87
CA LEU A 19 -5.47 -2.67 4.59
C LEU A 19 -5.79 -3.68 3.46
N GLU A 20 -7.06 -4.11 3.34
CA GLU A 20 -7.49 -4.99 2.26
C GLU A 20 -7.46 -4.26 0.90
N SER A 21 -7.91 -3.00 0.87
CA SER A 21 -7.83 -2.15 -0.33
C SER A 21 -6.36 -1.90 -0.73
N HIS A 22 -5.48 -1.78 0.28
CA HIS A 22 -4.03 -1.60 0.11
C HIS A 22 -3.44 -2.77 -0.69
N ARG A 23 -3.56 -4.01 -0.20
CA ARG A 23 -3.05 -5.21 -0.91
C ARG A 23 -3.67 -5.42 -2.29
N GLN A 24 -4.97 -5.14 -2.47
CA GLN A 24 -5.67 -5.23 -3.75
C GLN A 24 -5.15 -4.21 -4.79
N SER A 25 -4.55 -3.10 -4.34
CA SER A 25 -3.96 -2.07 -5.20
C SER A 25 -2.47 -2.36 -5.44
N CYS A 26 -1.72 -2.77 -4.41
CA CYS A 26 -0.31 -3.15 -4.48
C CYS A 26 -0.04 -4.27 -5.49
N ILE A 27 -0.86 -5.33 -5.48
CA ILE A 27 -0.75 -6.48 -6.40
C ILE A 27 -0.85 -6.06 -7.88
N ASN A 28 -1.41 -4.86 -8.15
CA ASN A 28 -1.57 -4.25 -9.47
C ASN A 28 -0.67 -3.00 -9.66
N GLY A 29 0.23 -2.70 -8.72
CA GLY A 29 1.16 -1.57 -8.77
C GLY A 29 0.50 -0.20 -8.66
N GLN A 30 -0.49 -0.05 -7.77
CA GLN A 30 -1.27 1.17 -7.58
C GLN A 30 -1.50 1.50 -6.10
N CYS A 31 -1.69 2.78 -5.76
CA CYS A 31 -2.06 3.24 -4.42
C CYS A 31 -3.60 3.17 -4.26
N PRO A 32 -4.13 2.72 -3.10
CA PRO A 32 -5.58 2.61 -2.89
C PRO A 32 -6.37 3.92 -2.89
N TYR A 33 -5.74 5.10 -2.78
CA TYR A 33 -6.46 6.38 -2.73
C TYR A 33 -5.89 7.54 -3.57
N CYS A 34 -4.58 7.79 -3.62
CA CYS A 34 -4.03 8.87 -4.48
C CYS A 34 -3.86 8.42 -5.95
N MET A 35 -4.10 7.13 -6.21
CA MET A 35 -4.06 6.43 -7.50
C MET A 35 -2.70 6.50 -8.24
N THR A 36 -1.62 6.86 -7.55
CA THR A 36 -0.25 6.82 -8.12
C THR A 36 0.09 5.38 -8.51
N ILE A 37 0.84 5.20 -9.60
CA ILE A 37 1.23 3.89 -10.14
C ILE A 37 2.74 3.65 -10.02
N THR A 38 3.12 2.37 -9.82
CA THR A 38 4.47 1.86 -9.58
C THR A 38 4.75 0.59 -10.39
N GLU A 39 5.95 0.02 -10.22
CA GLU A 39 6.39 -1.24 -10.86
C GLU A 39 5.73 -2.51 -10.29
N ALA A 40 4.80 -2.38 -9.32
CA ALA A 40 4.13 -3.48 -8.62
C ALA A 40 5.07 -4.38 -7.77
N THR A 41 6.30 -3.90 -7.50
CA THR A 41 7.31 -4.56 -6.66
C THR A 41 7.38 -3.90 -5.29
N GLU A 42 7.85 -4.63 -4.27
CA GLU A 42 8.00 -4.11 -2.90
C GLU A 42 8.90 -2.87 -2.86
N SER A 43 10.04 -2.89 -3.57
CA SER A 43 10.97 -1.78 -3.65
C SER A 43 10.34 -0.50 -4.22
N ALA A 44 9.45 -0.64 -5.21
CA ALA A 44 8.75 0.49 -5.81
C ALA A 44 7.55 0.96 -4.96
N LEU A 45 6.83 0.04 -4.30
CA LEU A 45 5.67 0.37 -3.46
C LEU A 45 6.08 0.99 -2.12
N GLN A 46 7.11 0.47 -1.44
CA GLN A 46 7.60 1.06 -0.19
C GLN A 46 8.11 2.50 -0.40
N ALA A 47 8.77 2.76 -1.54
CA ALA A 47 9.22 4.12 -1.91
C ALA A 47 8.03 5.10 -2.03
N HIS A 48 6.88 4.63 -2.54
CA HIS A 48 5.66 5.44 -2.63
C HIS A 48 5.01 5.66 -1.25
N TYR A 49 4.73 4.58 -0.50
CA TYR A 49 4.10 4.68 0.82
C TYR A 49 4.94 5.42 1.86
N SER A 50 6.25 5.55 1.66
CA SER A 50 7.14 6.37 2.50
C SER A 50 6.75 7.86 2.49
N ILE A 51 6.07 8.33 1.42
CA ILE A 51 5.62 9.72 1.23
C ILE A 51 4.09 9.89 1.10
N CYS A 52 3.31 8.80 1.11
CA CYS A 52 1.85 8.80 0.99
C CYS A 52 1.15 8.36 2.29
N LYS A 53 0.10 9.10 2.67
CA LYS A 53 -0.76 8.85 3.84
C LYS A 53 -2.27 8.93 3.52
N LEU A 54 -2.63 9.19 2.27
CA LEU A 54 -4.03 9.23 1.80
C LEU A 54 -4.71 7.84 1.79
N THR A 55 -3.92 6.77 1.96
CA THR A 55 -4.29 5.33 1.97
C THR A 55 -5.47 4.90 2.85
N GLY A 56 -5.96 5.79 3.73
CA GLY A 56 -7.14 5.59 4.57
C GLY A 56 -7.74 6.92 5.03
N ARG A 57 -7.68 7.96 4.18
CA ARG A 57 -8.20 9.33 4.43
C ARG A 57 -9.36 9.70 3.51
N MET A 1 6.93 -5.83 13.28
CA MET A 1 6.05 -6.69 12.42
C MET A 1 4.74 -6.98 13.15
N GLY A 2 3.61 -7.02 12.42
CA GLY A 2 2.28 -7.30 12.97
C GLY A 2 1.20 -7.41 11.88
N SER A 3 -0.05 -7.64 12.30
CA SER A 3 -1.23 -7.78 11.42
C SER A 3 -1.52 -6.58 10.50
N MET A 4 -0.99 -5.39 10.84
CA MET A 4 -1.13 -4.15 10.05
C MET A 4 -0.29 -4.10 8.77
N VAL A 5 0.62 -5.07 8.56
CA VAL A 5 1.53 -5.15 7.40
C VAL A 5 0.86 -5.78 6.16
N CYS A 6 0.98 -5.13 5.00
CA CYS A 6 0.43 -5.55 3.71
C CYS A 6 1.06 -6.87 3.18
N ASP A 7 0.24 -7.65 2.48
CA ASP A 7 0.62 -8.93 1.86
C ASP A 7 1.58 -8.79 0.65
N VAL A 8 1.69 -7.60 0.04
CA VAL A 8 2.51 -7.33 -1.14
C VAL A 8 3.68 -6.37 -0.87
N CYS A 9 3.41 -5.11 -0.51
CA CYS A 9 4.45 -4.10 -0.26
C CYS A 9 5.15 -4.24 1.11
N HIS A 10 4.71 -5.17 1.96
CA HIS A 10 5.21 -5.44 3.30
C HIS A 10 5.44 -4.16 4.14
N HIS A 11 4.54 -3.17 3.96
CA HIS A 11 4.48 -1.88 4.64
C HIS A 11 3.16 -1.78 5.43
N GLU A 12 3.09 -0.92 6.43
CA GLU A 12 1.88 -0.68 7.23
C GLU A 12 0.82 0.15 6.47
N CYS A 13 -0.41 0.18 7.02
CA CYS A 13 -1.56 0.93 6.53
C CYS A 13 -2.20 1.74 7.68
N GLU A 14 -3.10 2.68 7.38
CA GLU A 14 -3.79 3.50 8.39
C GLU A 14 -4.69 2.66 9.31
N THR A 15 -5.36 1.64 8.78
CA THR A 15 -6.25 0.72 9.53
C THR A 15 -6.15 -0.71 9.00
N ALA A 16 -6.53 -1.69 9.82
CA ALA A 16 -6.57 -3.11 9.44
C ALA A 16 -7.68 -3.44 8.41
N LYS A 17 -8.60 -2.50 8.16
CA LYS A 17 -9.72 -2.61 7.20
C LYS A 17 -9.33 -2.00 5.85
N GLU A 18 -8.65 -0.84 5.86
CA GLU A 18 -8.08 -0.19 4.67
C GLU A 18 -6.99 -1.08 4.04
N LEU A 19 -6.33 -1.91 4.86
CA LEU A 19 -5.31 -2.87 4.45
C LEU A 19 -5.76 -3.82 3.32
N GLU A 20 -7.05 -4.22 3.32
CA GLU A 20 -7.60 -5.07 2.25
C GLU A 20 -7.66 -4.32 0.90
N SER A 21 -7.94 -3.02 0.91
CA SER A 21 -7.90 -2.18 -0.29
C SER A 21 -6.45 -1.93 -0.72
N HIS A 22 -5.54 -1.81 0.25
CA HIS A 22 -4.09 -1.62 0.07
C HIS A 22 -3.51 -2.78 -0.75
N ARG A 23 -3.60 -4.03 -0.26
CA ARG A 23 -3.09 -5.22 -0.96
C ARG A 23 -3.67 -5.42 -2.38
N GLN A 24 -4.95 -5.13 -2.57
CA GLN A 24 -5.62 -5.23 -3.89
C GLN A 24 -5.12 -4.16 -4.89
N SER A 25 -4.50 -3.08 -4.42
CA SER A 25 -3.89 -2.06 -5.27
C SER A 25 -2.40 -2.36 -5.47
N CYS A 26 -1.67 -2.77 -4.42
CA CYS A 26 -0.27 -3.17 -4.47
C CYS A 26 -0.01 -4.27 -5.51
N ILE A 27 -0.85 -5.31 -5.54
CA ILE A 27 -0.75 -6.44 -6.50
C ILE A 27 -0.79 -5.97 -7.98
N ASN A 28 -1.31 -4.76 -8.22
CA ASN A 28 -1.43 -4.08 -9.51
C ASN A 28 -0.49 -2.86 -9.65
N GLY A 29 0.41 -2.60 -8.70
CA GLY A 29 1.34 -1.46 -8.71
C GLY A 29 0.68 -0.10 -8.47
N GLN A 30 -0.45 -0.06 -7.77
CA GLN A 30 -1.29 1.11 -7.52
C GLN A 30 -1.38 1.48 -6.02
N CYS A 31 -1.61 2.77 -5.73
CA CYS A 31 -1.92 3.27 -4.39
C CYS A 31 -3.46 3.24 -4.18
N PRO A 32 -3.99 2.75 -3.05
CA PRO A 32 -5.43 2.63 -2.81
C PRO A 32 -6.24 3.94 -2.73
N TYR A 33 -5.61 5.13 -2.67
CA TYR A 33 -6.33 6.40 -2.53
C TYR A 33 -5.86 7.55 -3.45
N CYS A 34 -4.55 7.82 -3.58
CA CYS A 34 -4.07 8.89 -4.49
C CYS A 34 -3.94 8.41 -5.95
N MET A 35 -4.20 7.12 -6.18
CA MET A 35 -4.20 6.39 -7.45
C MET A 35 -2.88 6.45 -8.25
N THR A 36 -1.76 6.81 -7.62
CA THR A 36 -0.42 6.81 -8.27
C THR A 36 -0.07 5.40 -8.72
N ILE A 37 0.58 5.27 -9.89
CA ILE A 37 0.99 3.99 -10.50
C ILE A 37 2.52 3.90 -10.58
N THR A 38 3.04 2.72 -10.27
CA THR A 38 4.47 2.34 -10.28
C THR A 38 4.59 0.81 -10.45
N GLU A 39 5.77 0.22 -10.31
CA GLU A 39 5.95 -1.24 -10.40
C GLU A 39 5.28 -1.95 -9.20
N ALA A 40 4.79 -3.18 -9.41
CA ALA A 40 4.14 -3.99 -8.36
C ALA A 40 5.13 -4.59 -7.33
N THR A 41 6.43 -4.30 -7.44
CA THR A 41 7.47 -4.78 -6.52
C THR A 41 7.38 -4.07 -5.17
N GLU A 42 7.78 -4.75 -4.09
CA GLU A 42 7.80 -4.14 -2.75
C GLU A 42 8.76 -2.95 -2.67
N SER A 43 9.87 -2.97 -3.41
CA SER A 43 10.84 -1.87 -3.47
C SER A 43 10.24 -0.58 -4.04
N ALA A 44 9.44 -0.67 -5.11
CA ALA A 44 8.79 0.48 -5.73
C ALA A 44 7.60 0.99 -4.88
N LEU A 45 6.79 0.07 -4.34
CA LEU A 45 5.65 0.39 -3.50
C LEU A 45 6.08 1.03 -2.16
N GLN A 46 7.12 0.50 -1.48
CA GLN A 46 7.65 1.10 -0.25
C GLN A 46 8.16 2.53 -0.49
N ALA A 47 8.83 2.78 -1.63
CA ALA A 47 9.29 4.12 -1.98
C ALA A 47 8.12 5.12 -2.10
N HIS A 48 6.96 4.67 -2.60
CA HIS A 48 5.74 5.47 -2.70
C HIS A 48 5.12 5.69 -1.30
N TYR A 49 4.86 4.62 -0.55
CA TYR A 49 4.26 4.71 0.79
C TYR A 49 5.13 5.44 1.83
N SER A 50 6.44 5.57 1.59
CA SER A 50 7.34 6.37 2.43
C SER A 50 7.02 7.88 2.38
N ILE A 51 6.31 8.33 1.33
CA ILE A 51 5.91 9.73 1.10
C ILE A 51 4.39 9.94 0.98
N CYS A 52 3.59 8.86 0.93
CA CYS A 52 2.13 8.90 0.83
C CYS A 52 1.41 8.54 2.14
N LYS A 53 0.46 9.39 2.53
CA LYS A 53 -0.42 9.24 3.71
C LYS A 53 -1.89 9.52 3.38
N LEU A 54 -2.22 9.63 2.08
CA LEU A 54 -3.59 9.82 1.58
C LEU A 54 -4.40 8.50 1.66
N THR A 55 -3.74 7.39 2.00
CA THR A 55 -4.18 5.98 2.16
C THR A 55 -5.36 5.70 3.11
N GLY A 56 -6.18 6.71 3.41
CA GLY A 56 -7.38 6.65 4.24
C GLY A 56 -8.27 7.90 4.10
N ARG A 57 -8.10 8.70 3.04
CA ARG A 57 -8.84 9.95 2.78
C ARG A 57 -9.32 10.07 1.32
N MET A 1 6.55 -8.92 11.56
CA MET A 1 5.20 -9.44 11.24
C MET A 1 4.14 -8.73 12.11
N GLY A 2 2.94 -8.49 11.56
CA GLY A 2 1.83 -7.85 12.27
C GLY A 2 0.51 -7.87 11.51
N SER A 3 -0.60 -7.69 12.23
CA SER A 3 -1.99 -7.71 11.70
C SER A 3 -2.40 -6.46 10.90
N MET A 4 -1.55 -5.42 10.84
CA MET A 4 -1.81 -4.14 10.17
C MET A 4 -0.79 -3.82 9.06
N VAL A 5 -0.20 -4.86 8.46
CA VAL A 5 0.85 -4.78 7.43
C VAL A 5 0.41 -5.44 6.11
N CYS A 6 0.60 -4.76 4.98
CA CYS A 6 0.25 -5.23 3.64
C CYS A 6 1.10 -6.45 3.21
N ASP A 7 0.46 -7.42 2.56
CA ASP A 7 1.07 -8.65 2.06
C ASP A 7 1.98 -8.47 0.83
N VAL A 8 1.98 -7.31 0.19
CA VAL A 8 2.76 -7.01 -1.03
C VAL A 8 3.88 -5.99 -0.80
N CYS A 9 3.60 -4.87 -0.12
CA CYS A 9 4.58 -3.80 0.14
C CYS A 9 5.14 -3.76 1.57
N HIS A 10 4.72 -4.68 2.44
CA HIS A 10 5.11 -4.80 3.84
C HIS A 10 5.15 -3.46 4.62
N HIS A 11 4.20 -2.58 4.30
CA HIS A 11 3.98 -1.26 4.89
C HIS A 11 2.61 -1.20 5.59
N GLU A 12 2.42 -0.22 6.47
CA GLU A 12 1.15 0.04 7.16
C GLU A 12 0.09 0.69 6.24
N CYS A 13 -1.14 0.73 6.74
CA CYS A 13 -2.30 1.39 6.16
C CYS A 13 -2.96 2.26 7.26
N GLU A 14 -3.77 3.25 6.90
CA GLU A 14 -4.42 4.14 7.88
C GLU A 14 -5.37 3.39 8.82
N THR A 15 -6.01 2.31 8.35
CA THR A 15 -6.92 1.45 9.13
C THR A 15 -6.74 -0.03 8.77
N ALA A 16 -7.15 -0.93 9.68
CA ALA A 16 -7.10 -2.37 9.45
C ALA A 16 -8.15 -2.86 8.42
N LYS A 17 -9.13 -2.00 8.06
CA LYS A 17 -10.19 -2.28 7.08
C LYS A 17 -9.75 -1.88 5.66
N GLU A 18 -9.16 -0.70 5.50
CA GLU A 18 -8.61 -0.23 4.21
C GLU A 18 -7.39 -1.05 3.77
N LEU A 19 -6.78 -1.80 4.69
CA LEU A 19 -5.67 -2.73 4.43
C LEU A 19 -6.02 -3.75 3.33
N GLU A 20 -7.29 -4.17 3.26
CA GLU A 20 -7.79 -5.08 2.21
C GLU A 20 -7.78 -4.43 0.82
N SER A 21 -8.00 -3.12 0.74
CA SER A 21 -7.89 -2.34 -0.50
C SER A 21 -6.42 -2.06 -0.84
N HIS A 22 -5.57 -1.89 0.18
CA HIS A 22 -4.13 -1.67 0.07
C HIS A 22 -3.48 -2.83 -0.71
N ARG A 23 -3.63 -4.08 -0.22
CA ARG A 23 -3.10 -5.29 -0.90
C ARG A 23 -3.60 -5.45 -2.35
N GLN A 24 -4.89 -5.15 -2.61
CA GLN A 24 -5.49 -5.24 -3.96
C GLN A 24 -4.97 -4.15 -4.91
N SER A 25 -4.48 -3.03 -4.38
CA SER A 25 -3.89 -1.94 -5.18
C SER A 25 -2.41 -2.25 -5.42
N CYS A 26 -1.66 -2.64 -4.39
CA CYS A 26 -0.24 -3.03 -4.45
C CYS A 26 0.03 -4.16 -5.46
N ILE A 27 -0.77 -5.23 -5.44
CA ILE A 27 -0.62 -6.37 -6.37
C ILE A 27 -0.73 -5.93 -7.85
N ASN A 28 -1.32 -4.76 -8.11
CA ASN A 28 -1.49 -4.13 -9.42
C ASN A 28 -0.60 -2.87 -9.62
N GLY A 29 0.30 -2.55 -8.69
CA GLY A 29 1.22 -1.42 -8.77
C GLY A 29 0.57 -0.04 -8.56
N GLN A 30 -0.49 0.03 -7.76
CA GLN A 30 -1.29 1.24 -7.50
C GLN A 30 -1.45 1.53 -5.99
N CYS A 31 -1.78 2.77 -5.63
CA CYS A 31 -2.12 3.21 -4.26
C CYS A 31 -3.65 3.16 -4.05
N PRO A 32 -4.16 2.72 -2.89
CA PRO A 32 -5.60 2.62 -2.61
C PRO A 32 -6.36 3.96 -2.57
N TYR A 33 -5.68 5.12 -2.52
CA TYR A 33 -6.33 6.44 -2.43
C TYR A 33 -5.83 7.50 -3.42
N CYS A 34 -4.53 7.77 -3.53
CA CYS A 34 -4.03 8.78 -4.49
C CYS A 34 -3.94 8.20 -5.93
N MET A 35 -4.06 6.88 -6.05
CA MET A 35 -4.03 6.08 -7.28
C MET A 35 -2.77 6.24 -8.15
N THR A 36 -1.67 6.75 -7.59
CA THR A 36 -0.38 6.87 -8.28
C THR A 36 0.10 5.47 -8.71
N ILE A 37 0.57 5.33 -9.95
CA ILE A 37 1.05 4.06 -10.52
C ILE A 37 2.57 3.97 -10.45
N THR A 38 3.06 2.78 -10.13
CA THR A 38 4.47 2.38 -10.03
C THR A 38 4.61 0.87 -10.28
N GLU A 39 5.80 0.28 -10.19
CA GLU A 39 5.97 -1.16 -10.35
C GLU A 39 5.31 -1.92 -9.16
N ALA A 40 4.76 -3.11 -9.42
CA ALA A 40 4.12 -3.94 -8.38
C ALA A 40 5.10 -4.57 -7.38
N THR A 41 6.40 -4.28 -7.48
CA THR A 41 7.45 -4.78 -6.58
C THR A 41 7.43 -4.06 -5.23
N GLU A 42 7.82 -4.76 -4.16
CA GLU A 42 7.88 -4.22 -2.81
C GLU A 42 8.78 -2.99 -2.69
N SER A 43 9.96 -3.02 -3.31
CA SER A 43 10.91 -1.90 -3.32
C SER A 43 10.34 -0.63 -3.95
N ALA A 44 9.55 -0.77 -5.03
CA ALA A 44 8.91 0.36 -5.70
C ALA A 44 7.68 0.86 -4.93
N LEU A 45 6.91 -0.04 -4.31
CA LEU A 45 5.74 0.35 -3.51
C LEU A 45 6.17 1.03 -2.21
N GLN A 46 7.21 0.55 -1.52
CA GLN A 46 7.75 1.20 -0.32
C GLN A 46 8.26 2.61 -0.64
N ALA A 47 8.89 2.82 -1.81
CA ALA A 47 9.33 4.15 -2.24
C ALA A 47 8.15 5.13 -2.40
N HIS A 48 6.97 4.64 -2.83
CA HIS A 48 5.75 5.43 -2.93
C HIS A 48 5.16 5.73 -1.53
N TYR A 49 4.91 4.69 -0.72
CA TYR A 49 4.33 4.85 0.62
C TYR A 49 5.21 5.63 1.60
N SER A 50 6.53 5.74 1.33
CA SER A 50 7.44 6.60 2.12
C SER A 50 7.07 8.09 2.04
N ILE A 51 6.32 8.50 1.01
CA ILE A 51 5.87 9.88 0.78
C ILE A 51 4.35 10.05 0.71
N CYS A 52 3.57 8.96 0.75
CA CYS A 52 2.10 8.96 0.69
C CYS A 52 1.43 8.57 2.02
N LYS A 53 0.49 9.42 2.46
CA LYS A 53 -0.38 9.23 3.62
C LYS A 53 -1.85 9.51 3.31
N LEU A 54 -2.19 9.64 2.03
CA LEU A 54 -3.57 9.81 1.54
C LEU A 54 -4.39 8.51 1.69
N THR A 55 -3.72 7.40 2.00
CA THR A 55 -4.16 5.99 2.21
C THR A 55 -5.31 5.72 3.21
N GLY A 56 -6.06 6.75 3.57
CA GLY A 56 -7.24 6.73 4.45
C GLY A 56 -7.94 8.09 4.55
N ARG A 57 -7.81 8.93 3.50
CA ARG A 57 -8.33 10.31 3.47
C ARG A 57 -9.46 10.50 2.45
N MET A 1 3.82 -1.23 13.64
CA MET A 1 3.80 -2.47 12.83
C MET A 1 3.81 -3.73 13.71
N GLY A 2 3.45 -4.88 13.14
CA GLY A 2 3.41 -6.19 13.82
C GLY A 2 2.48 -7.22 13.17
N SER A 3 1.32 -6.76 12.67
CA SER A 3 0.29 -7.59 12.00
C SER A 3 -0.53 -6.85 10.94
N MET A 4 -0.75 -5.54 11.10
CA MET A 4 -1.50 -4.65 10.19
C MET A 4 -0.66 -4.22 8.96
N VAL A 5 0.07 -5.18 8.38
CA VAL A 5 1.04 -5.02 7.29
C VAL A 5 0.57 -5.71 6.00
N CYS A 6 0.73 -5.03 4.87
CA CYS A 6 0.31 -5.49 3.54
C CYS A 6 0.99 -6.80 3.10
N ASP A 7 0.24 -7.65 2.41
CA ASP A 7 0.70 -8.93 1.85
C ASP A 7 1.65 -8.79 0.64
N VAL A 8 1.77 -7.60 0.05
CA VAL A 8 2.58 -7.32 -1.15
C VAL A 8 3.75 -6.37 -0.87
N CYS A 9 3.49 -5.12 -0.48
CA CYS A 9 4.54 -4.12 -0.21
C CYS A 9 5.17 -4.24 1.19
N HIS A 10 4.69 -5.15 2.03
CA HIS A 10 5.14 -5.39 3.40
C HIS A 10 5.32 -4.10 4.23
N HIS A 11 4.44 -3.12 3.99
CA HIS A 11 4.35 -1.83 4.67
C HIS A 11 3.06 -1.77 5.51
N GLU A 12 3.08 -1.02 6.61
CA GLU A 12 1.90 -0.83 7.47
C GLU A 12 0.89 0.15 6.83
N CYS A 13 -0.40 -0.16 6.94
CA CYS A 13 -1.49 0.68 6.42
C CYS A 13 -2.01 1.66 7.50
N GLU A 14 -2.91 2.58 7.15
CA GLU A 14 -3.54 3.50 8.11
C GLU A 14 -4.48 2.77 9.08
N THR A 15 -5.21 1.74 8.60
CA THR A 15 -6.16 0.92 9.38
C THR A 15 -6.18 -0.54 8.92
N ALA A 16 -6.77 -1.44 9.72
CA ALA A 16 -6.92 -2.86 9.39
C ALA A 16 -7.99 -3.13 8.31
N LYS A 17 -8.88 -2.15 8.03
CA LYS A 17 -9.95 -2.23 7.01
C LYS A 17 -9.43 -1.74 5.65
N GLU A 18 -8.70 -0.62 5.66
CA GLU A 18 -8.06 -0.06 4.46
C GLU A 18 -6.96 -0.98 3.91
N LEU A 19 -6.41 -1.85 4.77
CA LEU A 19 -5.39 -2.87 4.44
C LEU A 19 -5.83 -3.78 3.27
N GLU A 20 -7.12 -4.08 3.18
CA GLU A 20 -7.70 -4.89 2.08
C GLU A 20 -7.58 -4.15 0.74
N SER A 21 -7.94 -2.86 0.71
CA SER A 21 -7.80 -2.01 -0.47
C SER A 21 -6.31 -1.82 -0.84
N HIS A 22 -5.45 -1.72 0.18
CA HIS A 22 -3.99 -1.58 0.04
C HIS A 22 -3.41 -2.76 -0.74
N ARG A 23 -3.57 -4.00 -0.24
CA ARG A 23 -3.07 -5.22 -0.92
C ARG A 23 -3.62 -5.43 -2.33
N GLN A 24 -4.91 -5.14 -2.55
CA GLN A 24 -5.55 -5.25 -3.87
C GLN A 24 -5.06 -4.18 -4.88
N SER A 25 -4.48 -3.08 -4.40
CA SER A 25 -3.87 -2.06 -5.26
C SER A 25 -2.38 -2.36 -5.48
N CYS A 26 -1.64 -2.76 -4.42
CA CYS A 26 -0.23 -3.15 -4.48
C CYS A 26 0.04 -4.28 -5.50
N ILE A 27 -0.80 -5.32 -5.51
CA ILE A 27 -0.68 -6.45 -6.46
C ILE A 27 -0.76 -6.00 -7.93
N ASN A 28 -1.29 -4.79 -8.18
CA ASN A 28 -1.43 -4.13 -9.49
C ASN A 28 -0.52 -2.89 -9.65
N GLY A 29 0.38 -2.62 -8.70
CA GLY A 29 1.31 -1.48 -8.74
C GLY A 29 0.65 -0.10 -8.52
N GLN A 30 -0.46 -0.06 -7.79
CA GLN A 30 -1.29 1.12 -7.54
C GLN A 30 -1.37 1.50 -6.05
N CYS A 31 -1.59 2.79 -5.74
CA CYS A 31 -1.89 3.28 -4.39
C CYS A 31 -3.42 3.26 -4.17
N PRO A 32 -3.94 2.75 -3.03
CA PRO A 32 -5.39 2.63 -2.78
C PRO A 32 -6.19 3.94 -2.70
N TYR A 33 -5.56 5.10 -2.46
CA TYR A 33 -6.29 6.36 -2.27
C TYR A 33 -5.77 7.61 -3.01
N CYS A 34 -4.57 7.60 -3.60
CA CYS A 34 -4.09 8.70 -4.46
C CYS A 34 -3.93 8.25 -5.93
N MET A 35 -4.19 6.96 -6.20
CA MET A 35 -4.19 6.29 -7.51
C MET A 35 -2.89 6.41 -8.31
N THR A 36 -1.76 6.75 -7.68
CA THR A 36 -0.43 6.78 -8.31
C THR A 36 -0.08 5.37 -8.81
N ILE A 37 0.50 5.26 -10.00
CA ILE A 37 0.89 3.99 -10.64
C ILE A 37 2.43 3.88 -10.73
N THR A 38 2.94 2.71 -10.37
CA THR A 38 4.36 2.32 -10.36
C THR A 38 4.48 0.79 -10.51
N GLU A 39 5.65 0.20 -10.32
CA GLU A 39 5.81 -1.27 -10.37
C GLU A 39 5.13 -1.96 -9.17
N ALA A 40 4.71 -3.22 -9.37
CA ALA A 40 4.09 -4.04 -8.33
C ALA A 40 5.12 -4.62 -7.31
N THR A 41 6.41 -4.30 -7.45
CA THR A 41 7.48 -4.74 -6.55
C THR A 41 7.41 -4.03 -5.20
N GLU A 42 7.81 -4.71 -4.13
CA GLU A 42 7.85 -4.13 -2.79
C GLU A 42 8.82 -2.94 -2.69
N SER A 43 9.90 -2.91 -3.49
CA SER A 43 10.87 -1.82 -3.53
C SER A 43 10.26 -0.52 -4.05
N ALA A 44 9.44 -0.59 -5.12
CA ALA A 44 8.77 0.57 -5.71
C ALA A 44 7.59 1.05 -4.84
N LEU A 45 6.80 0.10 -4.32
CA LEU A 45 5.65 0.39 -3.46
C LEU A 45 6.07 1.01 -2.13
N GLN A 46 7.09 0.47 -1.43
CA GLN A 46 7.57 1.05 -0.17
C GLN A 46 8.12 2.47 -0.39
N ALA A 47 8.80 2.73 -1.51
CA ALA A 47 9.29 4.07 -1.84
C ALA A 47 8.13 5.08 -1.98
N HIS A 48 6.99 4.65 -2.53
CA HIS A 48 5.77 5.46 -2.63
C HIS A 48 5.14 5.70 -1.24
N TYR A 49 4.88 4.63 -0.48
CA TYR A 49 4.27 4.72 0.85
C TYR A 49 5.13 5.46 1.89
N SER A 50 6.44 5.58 1.66
CA SER A 50 7.35 6.38 2.51
C SER A 50 7.02 7.88 2.45
N ILE A 51 6.31 8.33 1.41
CA ILE A 51 5.91 9.74 1.19
C ILE A 51 4.37 9.94 1.04
N CYS A 52 3.58 8.86 1.05
CA CYS A 52 2.12 8.88 0.92
C CYS A 52 1.40 8.44 2.21
N LYS A 53 0.43 9.26 2.63
CA LYS A 53 -0.47 9.03 3.79
C LYS A 53 -1.95 9.24 3.44
N LEU A 54 -2.27 9.43 2.16
CA LEU A 54 -3.65 9.51 1.67
C LEU A 54 -4.36 8.15 1.79
N THR A 55 -3.61 7.07 2.00
CA THR A 55 -3.97 5.65 2.18
C THR A 55 -5.09 5.31 3.20
N GLY A 56 -5.63 6.32 3.90
CA GLY A 56 -6.75 6.20 4.84
C GLY A 56 -7.59 7.48 4.95
N ARG A 57 -7.55 8.36 3.93
CA ARG A 57 -8.28 9.64 3.89
C ARG A 57 -9.81 9.50 3.97
N MET A 1 7.16 -8.02 12.87
CA MET A 1 6.18 -8.52 11.88
C MET A 1 4.83 -8.79 12.56
N GLY A 2 3.72 -8.54 11.85
CA GLY A 2 2.35 -8.77 12.34
C GLY A 2 1.31 -8.68 11.22
N SER A 3 0.06 -9.02 11.54
CA SER A 3 -1.08 -9.04 10.59
C SER A 3 -1.38 -7.71 9.89
N MET A 4 -0.99 -6.57 10.47
CA MET A 4 -1.19 -5.21 9.92
C MET A 4 -0.28 -4.88 8.71
N VAL A 5 0.68 -5.74 8.38
CA VAL A 5 1.61 -5.58 7.26
C VAL A 5 1.00 -6.13 5.96
N CYS A 6 0.99 -5.32 4.89
CA CYS A 6 0.47 -5.67 3.57
C CYS A 6 1.15 -6.92 2.96
N ASP A 7 0.34 -7.78 2.32
CA ASP A 7 0.79 -9.03 1.67
C ASP A 7 1.71 -8.82 0.45
N VAL A 8 1.85 -7.59 -0.07
CA VAL A 8 2.65 -7.26 -1.25
C VAL A 8 3.78 -6.28 -0.94
N CYS A 9 3.48 -5.01 -0.63
CA CYS A 9 4.49 -4.00 -0.33
C CYS A 9 5.20 -4.16 1.03
N HIS A 10 4.79 -5.15 1.84
CA HIS A 10 5.33 -5.47 3.15
C HIS A 10 5.54 -4.24 4.06
N HIS A 11 4.59 -3.30 3.97
CA HIS A 11 4.51 -2.05 4.73
C HIS A 11 3.24 -2.05 5.60
N GLU A 12 3.27 -1.37 6.74
CA GLU A 12 2.10 -1.24 7.63
C GLU A 12 1.10 -0.21 7.05
N CYS A 13 -0.19 -0.53 7.00
CA CYS A 13 -1.25 0.37 6.55
C CYS A 13 -1.56 1.48 7.57
N GLU A 14 -2.43 2.43 7.22
CA GLU A 14 -2.89 3.47 8.15
C GLU A 14 -3.83 2.86 9.21
N THR A 15 -4.75 1.96 8.78
CA THR A 15 -5.70 1.23 9.64
C THR A 15 -5.93 -0.20 9.10
N ALA A 16 -6.26 -1.14 9.99
CA ALA A 16 -6.54 -2.54 9.63
C ALA A 16 -7.75 -2.73 8.68
N LYS A 17 -8.57 -1.69 8.48
CA LYS A 17 -9.73 -1.68 7.58
C LYS A 17 -9.30 -1.40 6.14
N GLU A 18 -8.41 -0.43 5.94
CA GLU A 18 -7.88 -0.08 4.61
C GLU A 18 -6.90 -1.11 4.05
N LEU A 19 -6.37 -1.99 4.92
CA LEU A 19 -5.41 -3.05 4.62
C LEU A 19 -5.78 -3.92 3.40
N GLU A 20 -7.06 -4.29 3.24
CA GLU A 20 -7.49 -5.08 2.08
C GLU A 20 -7.45 -4.27 0.78
N SER A 21 -7.86 -3.00 0.82
CA SER A 21 -7.77 -2.09 -0.33
C SER A 21 -6.30 -1.86 -0.72
N HIS A 22 -5.41 -1.78 0.29
CA HIS A 22 -3.97 -1.62 0.13
C HIS A 22 -3.40 -2.78 -0.71
N ARG A 23 -3.52 -4.04 -0.26
CA ARG A 23 -3.02 -5.21 -1.01
C ARG A 23 -3.65 -5.38 -2.40
N GLN A 24 -4.95 -5.11 -2.55
CA GLN A 24 -5.65 -5.17 -3.84
C GLN A 24 -5.17 -4.11 -4.84
N SER A 25 -4.51 -3.04 -4.37
CA SER A 25 -3.93 -1.99 -5.21
C SER A 25 -2.45 -2.28 -5.46
N CYS A 26 -1.69 -2.70 -4.43
CA CYS A 26 -0.28 -3.11 -4.50
C CYS A 26 -0.04 -4.22 -5.53
N ILE A 27 -0.91 -5.25 -5.55
CA ILE A 27 -0.82 -6.39 -6.50
C ILE A 27 -0.88 -5.93 -7.98
N ASN A 28 -1.40 -4.71 -8.23
CA ASN A 28 -1.51 -4.05 -9.53
C ASN A 28 -0.55 -2.83 -9.66
N GLY A 29 0.35 -2.63 -8.70
CA GLY A 29 1.33 -1.53 -8.67
C GLY A 29 0.74 -0.13 -8.42
N GLN A 30 -0.44 -0.03 -7.82
CA GLN A 30 -1.17 1.22 -7.60
C GLN A 30 -1.41 1.55 -6.10
N CYS A 31 -1.56 2.83 -5.78
CA CYS A 31 -1.92 3.33 -4.45
C CYS A 31 -3.45 3.20 -4.21
N PRO A 32 -3.93 2.77 -3.04
CA PRO A 32 -5.36 2.62 -2.75
C PRO A 32 -6.19 3.93 -2.73
N TYR A 33 -5.56 5.12 -2.67
CA TYR A 33 -6.30 6.40 -2.58
C TYR A 33 -5.83 7.53 -3.51
N CYS A 34 -4.52 7.84 -3.63
CA CYS A 34 -4.06 8.89 -4.55
C CYS A 34 -3.97 8.37 -6.01
N MET A 35 -4.20 7.06 -6.19
CA MET A 35 -4.21 6.31 -7.44
C MET A 35 -2.89 6.31 -8.23
N THR A 36 -1.78 6.80 -7.63
CA THR A 36 -0.43 6.78 -8.22
C THR A 36 -0.04 5.37 -8.65
N ILE A 37 0.62 5.21 -9.81
CA ILE A 37 1.04 3.92 -10.36
C ILE A 37 2.57 3.86 -10.49
N THR A 38 3.12 2.71 -10.14
CA THR A 38 4.54 2.33 -10.20
C THR A 38 4.65 0.81 -10.39
N GLU A 39 5.82 0.19 -10.29
CA GLU A 39 5.97 -1.26 -10.41
C GLU A 39 5.29 -1.98 -9.21
N ALA A 40 4.78 -3.20 -9.43
CA ALA A 40 4.13 -4.01 -8.39
C ALA A 40 5.12 -4.63 -7.37
N THR A 41 6.43 -4.33 -7.46
CA THR A 41 7.46 -4.80 -6.54
C THR A 41 7.37 -4.11 -5.19
N GLU A 42 7.78 -4.79 -4.11
CA GLU A 42 7.75 -4.20 -2.77
C GLU A 42 8.64 -2.95 -2.68
N SER A 43 9.79 -2.93 -3.37
CA SER A 43 10.74 -1.80 -3.36
C SER A 43 10.13 -0.52 -3.96
N ALA A 44 9.38 -0.63 -5.05
CA ALA A 44 8.73 0.51 -5.71
C ALA A 44 7.55 1.02 -4.87
N LEU A 45 6.75 0.11 -4.31
CA LEU A 45 5.62 0.44 -3.45
C LEU A 45 6.08 1.02 -2.10
N GLN A 46 7.18 0.54 -1.51
CA GLN A 46 7.76 1.10 -0.28
C GLN A 46 8.21 2.55 -0.52
N ALA A 47 8.83 2.84 -1.68
CA ALA A 47 9.21 4.20 -2.06
C ALA A 47 7.97 5.12 -2.17
N HIS A 48 6.85 4.60 -2.70
CA HIS A 48 5.58 5.31 -2.77
C HIS A 48 5.02 5.59 -1.35
N TYR A 49 4.82 4.56 -0.52
CA TYR A 49 4.24 4.72 0.82
C TYR A 49 5.13 5.51 1.79
N SER A 50 6.44 5.62 1.52
CA SER A 50 7.34 6.48 2.31
C SER A 50 6.99 7.98 2.18
N ILE A 51 6.23 8.37 1.15
CA ILE A 51 5.82 9.76 0.86
C ILE A 51 4.28 9.95 0.75
N CYS A 52 3.49 8.87 0.89
CA CYS A 52 2.03 8.87 0.77
C CYS A 52 1.33 8.45 2.08
N LYS A 53 0.33 9.24 2.48
CA LYS A 53 -0.52 9.00 3.67
C LYS A 53 -2.03 9.14 3.38
N LEU A 54 -2.41 9.41 2.13
CA LEU A 54 -3.81 9.45 1.69
C LEU A 54 -4.48 8.06 1.78
N THR A 55 -3.67 7.00 1.93
CA THR A 55 -4.03 5.57 2.08
C THR A 55 -5.09 5.24 3.13
N GLY A 56 -5.40 6.19 4.02
CA GLY A 56 -6.44 6.09 5.05
C GLY A 56 -6.85 7.48 5.59
N ARG A 57 -6.78 8.52 4.74
CA ARG A 57 -7.07 9.93 5.08
C ARG A 57 -7.94 10.63 4.04
N MET A 1 6.61 -9.57 9.00
CA MET A 1 5.43 -10.48 9.15
C MET A 1 4.53 -9.99 10.29
N GLY A 2 3.22 -9.84 10.02
CA GLY A 2 2.22 -9.42 11.01
C GLY A 2 0.80 -9.30 10.44
N SER A 3 -0.20 -9.25 11.32
CA SER A 3 -1.63 -9.14 10.98
C SER A 3 -2.06 -7.77 10.39
N MET A 4 -1.19 -6.75 10.46
CA MET A 4 -1.42 -5.38 9.99
C MET A 4 -0.42 -4.97 8.89
N VAL A 5 0.16 -5.94 8.18
CA VAL A 5 1.20 -5.76 7.15
C VAL A 5 0.74 -6.28 5.78
N CYS A 6 0.94 -5.49 4.73
CA CYS A 6 0.54 -5.81 3.35
C CYS A 6 1.26 -7.06 2.78
N ASP A 7 0.54 -7.87 2.00
CA ASP A 7 1.06 -9.09 1.36
C ASP A 7 2.01 -8.85 0.17
N VAL A 8 2.11 -7.61 -0.35
CA VAL A 8 2.91 -7.26 -1.53
C VAL A 8 4.04 -6.26 -1.25
N CYS A 9 3.76 -5.15 -0.56
CA CYS A 9 4.74 -4.11 -0.24
C CYS A 9 5.24 -4.12 1.21
N HIS A 10 4.76 -5.06 2.03
CA HIS A 10 5.06 -5.22 3.45
C HIS A 10 4.97 -3.91 4.28
N HIS A 11 4.12 -2.97 3.84
CA HIS A 11 3.86 -1.71 4.54
C HIS A 11 2.80 -1.90 5.64
N GLU A 12 2.97 -1.20 6.76
CA GLU A 12 2.04 -1.16 7.89
C GLU A 12 0.97 -0.07 7.64
N CYS A 13 -0.10 -0.44 6.93
CA CYS A 13 -1.20 0.46 6.55
C CYS A 13 -1.79 1.24 7.75
N GLU A 14 -2.35 2.42 7.48
CA GLU A 14 -2.93 3.32 8.49
C GLU A 14 -4.00 2.65 9.38
N THR A 15 -4.74 1.68 8.86
CA THR A 15 -5.72 0.86 9.60
C THR A 15 -5.68 -0.60 9.14
N ALA A 16 -6.15 -1.53 9.98
CA ALA A 16 -6.20 -2.96 9.65
C ALA A 16 -7.30 -3.30 8.61
N LYS A 17 -8.22 -2.37 8.30
CA LYS A 17 -9.30 -2.55 7.32
C LYS A 17 -8.95 -1.91 5.96
N GLU A 18 -8.33 -0.72 5.95
CA GLU A 18 -7.86 -0.10 4.70
C GLU A 18 -6.76 -0.96 4.04
N LEU A 19 -6.09 -1.80 4.85
CA LEU A 19 -5.11 -2.81 4.43
C LEU A 19 -5.68 -3.76 3.36
N GLU A 20 -6.98 -4.06 3.43
CA GLU A 20 -7.68 -4.90 2.46
C GLU A 20 -7.77 -4.24 1.07
N SER A 21 -7.87 -2.91 1.01
CA SER A 21 -7.81 -2.13 -0.23
C SER A 21 -6.36 -1.94 -0.70
N HIS A 22 -5.43 -1.77 0.26
CA HIS A 22 -3.99 -1.61 0.04
C HIS A 22 -3.42 -2.77 -0.78
N ARG A 23 -3.54 -4.01 -0.27
CA ARG A 23 -3.09 -5.25 -0.95
C ARG A 23 -3.66 -5.44 -2.36
N GLN A 24 -4.95 -5.10 -2.57
CA GLN A 24 -5.61 -5.19 -3.88
C GLN A 24 -5.12 -4.14 -4.89
N SER A 25 -4.50 -3.06 -4.41
CA SER A 25 -3.93 -2.00 -5.24
C SER A 25 -2.44 -2.30 -5.53
N CYS A 26 -1.68 -2.75 -4.52
CA CYS A 26 -0.28 -3.15 -4.63
C CYS A 26 -0.03 -4.24 -5.68
N ILE A 27 -0.88 -5.28 -5.73
CA ILE A 27 -0.79 -6.37 -6.72
C ILE A 27 -0.90 -5.85 -8.17
N ASN A 28 -1.44 -4.65 -8.36
CA ASN A 28 -1.59 -3.92 -9.63
C ASN A 28 -0.60 -2.72 -9.73
N GLY A 29 0.32 -2.56 -8.77
CA GLY A 29 1.32 -1.49 -8.71
C GLY A 29 0.76 -0.09 -8.42
N GLN A 30 -0.43 0.00 -7.83
CA GLN A 30 -1.14 1.26 -7.58
C GLN A 30 -1.43 1.53 -6.09
N CYS A 31 -1.67 2.80 -5.73
CA CYS A 31 -2.05 3.25 -4.39
C CYS A 31 -3.59 3.15 -4.19
N PRO A 32 -4.10 2.70 -3.03
CA PRO A 32 -5.55 2.58 -2.78
C PRO A 32 -6.35 3.90 -2.75
N TYR A 33 -5.70 5.08 -2.66
CA TYR A 33 -6.41 6.37 -2.59
C TYR A 33 -5.88 7.49 -3.50
N CYS A 34 -4.57 7.77 -3.56
CA CYS A 34 -4.04 8.79 -4.49
C CYS A 34 -3.96 8.25 -5.94
N MET A 35 -4.10 6.93 -6.10
CA MET A 35 -4.10 6.17 -7.35
C MET A 35 -2.86 6.30 -8.24
N THR A 36 -1.75 6.83 -7.71
CA THR A 36 -0.44 6.87 -8.40
C THR A 36 0.01 5.44 -8.72
N ILE A 37 0.68 5.23 -9.86
CA ILE A 37 1.11 3.90 -10.35
C ILE A 37 2.65 3.83 -10.48
N THR A 38 3.19 2.67 -10.12
CA THR A 38 4.60 2.27 -10.17
C THR A 38 4.69 0.74 -10.39
N GLU A 39 5.86 0.12 -10.28
CA GLU A 39 5.99 -1.34 -10.43
C GLU A 39 5.30 -2.08 -9.26
N ALA A 40 4.73 -3.27 -9.52
CA ALA A 40 4.04 -4.10 -8.53
C ALA A 40 5.00 -4.88 -7.59
N THR A 41 6.06 -4.21 -7.11
CA THR A 41 7.13 -4.77 -6.27
C THR A 41 7.35 -3.95 -5.00
N GLU A 42 7.87 -4.59 -3.95
CA GLU A 42 8.13 -3.94 -2.65
C GLU A 42 9.07 -2.74 -2.75
N SER A 43 10.17 -2.84 -3.50
CA SER A 43 11.14 -1.76 -3.69
C SER A 43 10.50 -0.50 -4.28
N ALA A 44 9.56 -0.67 -5.21
CA ALA A 44 8.82 0.42 -5.84
C ALA A 44 7.65 0.94 -4.97
N LEU A 45 6.89 0.05 -4.34
CA LEU A 45 5.72 0.41 -3.54
C LEU A 45 6.06 1.01 -2.18
N GLN A 46 7.03 0.45 -1.45
CA GLN A 46 7.44 1.00 -0.15
C GLN A 46 8.00 2.43 -0.31
N ALA A 47 8.69 2.72 -1.42
CA ALA A 47 9.18 4.06 -1.75
C ALA A 47 8.02 5.07 -1.92
N HIS A 48 6.90 4.63 -2.51
CA HIS A 48 5.69 5.45 -2.65
C HIS A 48 5.01 5.67 -1.29
N TYR A 49 4.74 4.60 -0.55
CA TYR A 49 4.09 4.67 0.76
C TYR A 49 4.92 5.41 1.84
N SER A 50 6.24 5.53 1.65
CA SER A 50 7.11 6.34 2.53
C SER A 50 6.75 7.84 2.49
N ILE A 51 6.04 8.31 1.45
CA ILE A 51 5.61 9.70 1.26
C ILE A 51 4.09 9.88 1.09
N CYS A 52 3.31 8.78 1.05
CA CYS A 52 1.85 8.79 0.89
C CYS A 52 1.11 8.31 2.15
N LYS A 53 0.15 9.12 2.59
CA LYS A 53 -0.77 8.85 3.72
C LYS A 53 -2.24 9.07 3.36
N LEU A 54 -2.54 9.33 2.08
CA LEU A 54 -3.91 9.38 1.56
C LEU A 54 -4.61 8.01 1.74
N THR A 55 -3.82 6.95 1.90
CA THR A 55 -4.17 5.55 2.19
C THR A 55 -5.14 5.36 3.37
N GLY A 56 -5.28 6.35 4.24
CA GLY A 56 -6.19 6.36 5.40
C GLY A 56 -6.77 7.74 5.73
N ARG A 57 -6.82 8.66 4.74
CA ARG A 57 -7.37 10.02 4.84
C ARG A 57 -8.89 10.03 5.04
N MET A 1 4.83 -6.19 14.74
CA MET A 1 4.27 -6.53 13.41
C MET A 1 3.60 -7.91 13.43
N GLY A 2 2.51 -8.10 12.65
CA GLY A 2 1.80 -9.37 12.56
C GLY A 2 0.36 -9.30 12.00
N SER A 3 -0.33 -8.18 12.18
CA SER A 3 -1.75 -7.99 11.77
C SER A 3 -2.05 -6.67 11.01
N MET A 4 -1.07 -5.76 10.88
CA MET A 4 -1.21 -4.45 10.23
C MET A 4 -0.17 -4.24 9.10
N VAL A 5 0.18 -5.33 8.40
CA VAL A 5 1.20 -5.38 7.33
C VAL A 5 0.60 -5.94 6.04
N CYS A 6 0.78 -5.21 4.92
CA CYS A 6 0.28 -5.58 3.59
C CYS A 6 0.84 -6.91 3.08
N ASP A 7 0.03 -7.64 2.29
CA ASP A 7 0.38 -8.92 1.67
C ASP A 7 1.39 -8.80 0.50
N VAL A 8 1.64 -7.58 -0.01
CA VAL A 8 2.53 -7.31 -1.14
C VAL A 8 3.71 -6.40 -0.76
N CYS A 9 3.47 -5.11 -0.48
CA CYS A 9 4.51 -4.14 -0.14
C CYS A 9 5.07 -4.28 1.31
N HIS A 10 4.53 -5.21 2.09
CA HIS A 10 4.91 -5.51 3.47
C HIS A 10 5.13 -4.24 4.34
N HIS A 11 4.27 -3.24 4.12
CA HIS A 11 4.23 -1.94 4.77
C HIS A 11 2.88 -1.76 5.49
N GLU A 12 2.80 -0.75 6.36
CA GLU A 12 1.58 -0.38 7.07
C GLU A 12 0.63 0.48 6.22
N CYS A 13 -0.58 0.71 6.73
CA CYS A 13 -1.64 1.54 6.17
C CYS A 13 -2.20 2.46 7.29
N GLU A 14 -3.00 3.48 6.96
CA GLU A 14 -3.58 4.38 7.98
C GLU A 14 -4.41 3.61 9.04
N THR A 15 -5.09 2.53 8.62
CA THR A 15 -5.86 1.63 9.50
C THR A 15 -5.71 0.17 9.07
N ALA A 16 -5.99 -0.77 9.98
CA ALA A 16 -5.97 -2.21 9.69
C ALA A 16 -7.16 -2.67 8.80
N LYS A 17 -8.16 -1.81 8.59
CA LYS A 17 -9.34 -2.07 7.75
C LYS A 17 -9.07 -1.66 6.29
N GLU A 18 -8.50 -0.49 6.07
CA GLU A 18 -8.13 0.01 4.73
C GLU A 18 -6.98 -0.82 4.12
N LEU A 19 -6.26 -1.58 4.95
CA LEU A 19 -5.20 -2.52 4.54
C LEU A 19 -5.70 -3.56 3.52
N GLU A 20 -6.98 -3.95 3.59
CA GLU A 20 -7.61 -4.87 2.62
C GLU A 20 -7.70 -4.25 1.21
N SER A 21 -7.91 -2.93 1.13
CA SER A 21 -7.92 -2.17 -0.12
C SER A 21 -6.48 -1.93 -0.62
N HIS A 22 -5.52 -1.81 0.31
CA HIS A 22 -4.10 -1.61 0.07
C HIS A 22 -3.53 -2.77 -0.76
N ARG A 23 -3.60 -4.02 -0.26
CA ARG A 23 -3.06 -5.22 -0.94
C ARG A 23 -3.55 -5.45 -2.37
N GLN A 24 -4.85 -5.26 -2.65
CA GLN A 24 -5.42 -5.41 -3.99
C GLN A 24 -4.99 -4.30 -4.97
N SER A 25 -4.52 -3.17 -4.45
CA SER A 25 -3.98 -2.07 -5.25
C SER A 25 -2.49 -2.33 -5.52
N CYS A 26 -1.73 -2.74 -4.48
CA CYS A 26 -0.32 -3.10 -4.55
C CYS A 26 -0.02 -4.20 -5.59
N ILE A 27 -0.81 -5.27 -5.62
CA ILE A 27 -0.64 -6.38 -6.59
C ILE A 27 -0.73 -5.90 -8.06
N ASN A 28 -1.33 -4.73 -8.29
CA ASN A 28 -1.48 -4.05 -9.58
C ASN A 28 -0.56 -2.80 -9.72
N GLY A 29 0.34 -2.56 -8.75
CA GLY A 29 1.29 -1.44 -8.73
C GLY A 29 0.69 -0.06 -8.45
N GLN A 30 -0.53 0.02 -7.92
CA GLN A 30 -1.25 1.27 -7.67
C GLN A 30 -1.51 1.52 -6.16
N CYS A 31 -1.65 2.80 -5.78
CA CYS A 31 -2.01 3.21 -4.42
C CYS A 31 -3.55 3.15 -4.24
N PRO A 32 -4.09 2.68 -3.09
CA PRO A 32 -5.53 2.57 -2.85
C PRO A 32 -6.32 3.89 -2.85
N TYR A 33 -5.67 5.06 -2.72
CA TYR A 33 -6.38 6.35 -2.64
C TYR A 33 -5.83 7.52 -3.47
N CYS A 34 -4.52 7.72 -3.63
CA CYS A 34 -4.01 8.80 -4.50
C CYS A 34 -3.94 8.38 -5.99
N MET A 35 -4.20 7.10 -6.25
CA MET A 35 -4.27 6.41 -7.55
C MET A 35 -2.99 6.42 -8.40
N THR A 36 -1.87 6.95 -7.90
CA THR A 36 -0.55 6.92 -8.57
C THR A 36 -0.14 5.47 -8.86
N ILE A 37 0.53 5.23 -9.99
CA ILE A 37 0.97 3.91 -10.45
C ILE A 37 2.50 3.87 -10.60
N THR A 38 3.09 2.77 -10.12
CA THR A 38 4.51 2.41 -10.14
C THR A 38 4.63 0.88 -10.38
N GLU A 39 5.83 0.29 -10.31
CA GLU A 39 5.98 -1.17 -10.44
C GLU A 39 5.32 -1.89 -9.25
N ALA A 40 4.77 -3.09 -9.47
CA ALA A 40 4.14 -3.90 -8.42
C ALA A 40 5.13 -4.53 -7.42
N THR A 41 6.43 -4.23 -7.52
CA THR A 41 7.49 -4.72 -6.64
C THR A 41 7.46 -4.03 -5.28
N GLU A 42 7.91 -4.74 -4.25
CA GLU A 42 8.00 -4.20 -2.87
C GLU A 42 8.91 -2.97 -2.79
N SER A 43 10.05 -3.00 -3.48
CA SER A 43 11.01 -1.88 -3.52
C SER A 43 10.39 -0.58 -4.06
N ALA A 44 9.53 -0.69 -5.09
CA ALA A 44 8.84 0.47 -5.66
C ALA A 44 7.65 0.91 -4.81
N LEU A 45 6.88 -0.04 -4.25
CA LEU A 45 5.71 0.28 -3.43
C LEU A 45 6.11 0.89 -2.07
N GLN A 46 7.13 0.37 -1.38
CA GLN A 46 7.60 0.95 -0.12
C GLN A 46 8.11 2.38 -0.32
N ALA A 47 8.79 2.68 -1.44
CA ALA A 47 9.24 4.03 -1.76
C ALA A 47 8.05 5.01 -1.90
N HIS A 48 6.93 4.55 -2.44
CA HIS A 48 5.69 5.34 -2.57
C HIS A 48 5.03 5.55 -1.18
N TYR A 49 4.75 4.48 -0.45
CA TYR A 49 4.11 4.56 0.88
C TYR A 49 4.94 5.28 1.95
N SER A 50 6.27 5.40 1.75
CA SER A 50 7.14 6.19 2.64
C SER A 50 6.78 7.69 2.59
N ILE A 51 6.19 8.16 1.49
CA ILE A 51 5.77 9.56 1.28
C ILE A 51 4.25 9.74 1.16
N CYS A 52 3.49 8.65 0.98
CA CYS A 52 2.02 8.66 0.86
C CYS A 52 1.34 8.20 2.16
N LYS A 53 0.43 9.03 2.66
CA LYS A 53 -0.42 8.80 3.84
C LYS A 53 -1.91 9.10 3.55
N LEU A 54 -2.24 9.29 2.28
CA LEU A 54 -3.61 9.50 1.78
C LEU A 54 -4.41 8.18 1.72
N THR A 55 -3.78 7.05 2.04
CA THR A 55 -4.24 5.65 2.05
C THR A 55 -5.50 5.31 2.88
N GLY A 56 -6.22 6.32 3.36
CA GLY A 56 -7.48 6.22 4.10
C GLY A 56 -8.30 7.53 4.12
N ARG A 57 -8.00 8.48 3.22
CA ARG A 57 -8.65 9.80 3.10
C ARG A 57 -10.18 9.79 3.06
N MET A 1 6.44 -8.88 9.70
CA MET A 1 5.04 -8.53 9.32
C MET A 1 4.13 -8.41 10.54
N GLY A 2 2.85 -8.10 10.35
CA GLY A 2 1.86 -7.94 11.43
C GLY A 2 0.42 -7.78 10.91
N SER A 3 -0.54 -7.69 11.83
CA SER A 3 -2.00 -7.57 11.56
C SER A 3 -2.44 -6.36 10.71
N MET A 4 -1.58 -5.36 10.51
CA MET A 4 -1.84 -4.14 9.75
C MET A 4 -0.81 -3.91 8.62
N VAL A 5 -0.07 -4.96 8.23
CA VAL A 5 0.98 -4.91 7.19
C VAL A 5 0.51 -5.61 5.91
N CYS A 6 0.69 -4.95 4.76
CA CYS A 6 0.28 -5.43 3.44
C CYS A 6 0.99 -6.72 3.00
N ASP A 7 0.25 -7.57 2.28
CA ASP A 7 0.70 -8.84 1.71
C ASP A 7 1.78 -8.70 0.62
N VAL A 8 1.93 -7.50 0.02
CA VAL A 8 2.83 -7.22 -1.09
C VAL A 8 3.93 -6.23 -0.71
N CYS A 9 3.61 -4.94 -0.53
CA CYS A 9 4.59 -3.89 -0.19
C CYS A 9 5.20 -4.00 1.21
N HIS A 10 4.71 -4.91 2.05
CA HIS A 10 5.15 -5.16 3.42
C HIS A 10 5.29 -3.89 4.27
N HIS A 11 4.42 -2.90 4.00
CA HIS A 11 4.31 -1.62 4.67
C HIS A 11 3.02 -1.59 5.51
N GLU A 12 3.01 -0.82 6.61
CA GLU A 12 1.85 -0.66 7.48
C GLU A 12 0.78 0.26 6.84
N CYS A 13 -0.50 -0.10 6.96
CA CYS A 13 -1.64 0.68 6.46
C CYS A 13 -2.19 1.63 7.55
N GLU A 14 -3.08 2.56 7.18
CA GLU A 14 -3.72 3.47 8.14
C GLU A 14 -4.56 2.69 9.18
N THR A 15 -5.29 1.66 8.75
CA THR A 15 -6.15 0.78 9.57
C THR A 15 -6.14 -0.66 9.07
N ALA A 16 -6.68 -1.59 9.87
CA ALA A 16 -6.83 -3.00 9.49
C ALA A 16 -7.98 -3.22 8.46
N LYS A 17 -8.84 -2.21 8.24
CA LYS A 17 -9.95 -2.25 7.27
C LYS A 17 -9.50 -1.76 5.89
N GLU A 18 -8.77 -0.64 5.86
CA GLU A 18 -8.18 -0.08 4.63
C GLU A 18 -7.14 -1.03 4.01
N LEU A 19 -6.56 -1.92 4.83
CA LEU A 19 -5.61 -2.96 4.44
C LEU A 19 -6.13 -3.85 3.30
N GLU A 20 -7.44 -4.12 3.27
CA GLU A 20 -8.09 -4.91 2.22
C GLU A 20 -8.04 -4.21 0.85
N SER A 21 -8.07 -2.87 0.83
CA SER A 21 -7.91 -2.07 -0.40
C SER A 21 -6.42 -1.95 -0.76
N HIS A 22 -5.55 -1.81 0.24
CA HIS A 22 -4.09 -1.69 0.11
C HIS A 22 -3.52 -2.90 -0.66
N ARG A 23 -3.74 -4.13 -0.15
CA ARG A 23 -3.28 -5.39 -0.77
C ARG A 23 -3.74 -5.57 -2.23
N GLN A 24 -4.98 -5.21 -2.54
CA GLN A 24 -5.55 -5.30 -3.90
C GLN A 24 -4.98 -4.25 -4.88
N SER A 25 -4.50 -3.12 -4.36
CA SER A 25 -3.90 -2.05 -5.16
C SER A 25 -2.41 -2.34 -5.41
N CYS A 26 -1.67 -2.79 -4.39
CA CYS A 26 -0.25 -3.15 -4.46
C CYS A 26 0.06 -4.26 -5.48
N ILE A 27 -0.74 -5.33 -5.52
CA ILE A 27 -0.56 -6.42 -6.50
C ILE A 27 -0.65 -5.94 -7.97
N ASN A 28 -1.29 -4.78 -8.18
CA ASN A 28 -1.43 -4.09 -9.46
C ASN A 28 -0.50 -2.85 -9.59
N GLY A 29 0.41 -2.63 -8.62
CA GLY A 29 1.38 -1.53 -8.61
C GLY A 29 0.79 -0.13 -8.36
N GLN A 30 -0.40 -0.03 -7.76
CA GLN A 30 -1.12 1.22 -7.53
C GLN A 30 -1.37 1.54 -6.05
N CYS A 31 -1.52 2.82 -5.72
CA CYS A 31 -1.88 3.32 -4.39
C CYS A 31 -3.42 3.19 -4.16
N PRO A 32 -3.89 2.73 -2.99
CA PRO A 32 -5.32 2.57 -2.72
C PRO A 32 -6.16 3.88 -2.66
N TYR A 33 -5.54 5.07 -2.59
CA TYR A 33 -6.29 6.34 -2.48
C TYR A 33 -5.83 7.50 -3.37
N CYS A 34 -4.53 7.80 -3.50
CA CYS A 34 -4.08 8.87 -4.42
C CYS A 34 -4.01 8.39 -5.89
N MET A 35 -4.22 7.08 -6.09
CA MET A 35 -4.25 6.33 -7.35
C MET A 35 -2.93 6.35 -8.15
N THR A 36 -1.82 6.84 -7.57
CA THR A 36 -0.47 6.83 -8.18
C THR A 36 -0.07 5.40 -8.58
N ILE A 37 0.60 5.24 -9.72
CA ILE A 37 1.04 3.94 -10.26
C ILE A 37 2.57 3.90 -10.42
N THR A 38 3.14 2.74 -10.08
CA THR A 38 4.56 2.38 -10.17
C THR A 38 4.68 0.86 -10.40
N GLU A 39 5.87 0.26 -10.30
CA GLU A 39 6.03 -1.19 -10.45
C GLU A 39 5.37 -1.94 -9.28
N ALA A 40 4.87 -3.17 -9.52
CA ALA A 40 4.22 -3.99 -8.48
C ALA A 40 5.22 -4.61 -7.46
N THR A 41 6.51 -4.31 -7.55
CA THR A 41 7.54 -4.78 -6.61
C THR A 41 7.39 -4.08 -5.26
N GLU A 42 7.79 -4.76 -4.18
CA GLU A 42 7.75 -4.19 -2.83
C GLU A 42 8.66 -2.96 -2.69
N SER A 43 9.81 -2.93 -3.38
CA SER A 43 10.75 -1.80 -3.37
C SER A 43 10.15 -0.52 -3.96
N ALA A 44 9.44 -0.63 -5.09
CA ALA A 44 8.80 0.51 -5.75
C ALA A 44 7.61 1.03 -4.92
N LEU A 45 6.80 0.12 -4.38
CA LEU A 45 5.67 0.46 -3.52
C LEU A 45 6.13 1.05 -2.18
N GLN A 46 7.23 0.56 -1.58
CA GLN A 46 7.80 1.16 -0.37
C GLN A 46 8.29 2.59 -0.65
N ALA A 47 8.88 2.86 -1.82
CA ALA A 47 9.27 4.20 -2.22
C ALA A 47 8.04 5.12 -2.34
N HIS A 48 6.91 4.60 -2.88
CA HIS A 48 5.63 5.32 -2.93
C HIS A 48 5.12 5.64 -1.52
N TYR A 49 4.94 4.63 -0.66
CA TYR A 49 4.40 4.82 0.70
C TYR A 49 5.33 5.64 1.62
N SER A 50 6.62 5.75 1.31
CA SER A 50 7.55 6.63 2.03
C SER A 50 7.20 8.13 1.85
N ILE A 51 6.43 8.47 0.81
CA ILE A 51 6.00 9.85 0.47
C ILE A 51 4.46 10.02 0.43
N CYS A 52 3.68 8.96 0.65
CA CYS A 52 2.22 8.94 0.61
C CYS A 52 1.60 8.53 1.96
N LYS A 53 0.64 9.35 2.43
CA LYS A 53 -0.14 9.15 3.66
C LYS A 53 -1.65 9.33 3.44
N LEU A 54 -2.08 9.45 2.18
CA LEU A 54 -3.50 9.55 1.78
C LEU A 54 -4.21 8.18 1.80
N THR A 55 -3.47 7.10 2.05
CA THR A 55 -3.85 5.67 2.12
C THR A 55 -5.01 5.28 3.06
N GLY A 56 -5.61 6.28 3.74
CA GLY A 56 -6.78 6.16 4.61
C GLY A 56 -7.43 7.52 4.90
N ARG A 57 -7.33 8.46 3.94
CA ARG A 57 -7.85 9.83 4.01
C ARG A 57 -9.33 9.94 4.42
N MET A 1 2.10 -11.81 11.25
CA MET A 1 2.35 -11.17 9.93
C MET A 1 1.10 -11.25 9.05
N GLY A 2 0.78 -10.16 8.32
CA GLY A 2 -0.35 -10.07 7.38
C GLY A 2 -1.62 -9.45 7.96
N SER A 3 -1.74 -9.33 9.28
CA SER A 3 -2.91 -8.76 10.00
C SER A 3 -2.93 -7.22 10.06
N MET A 4 -1.76 -6.58 10.07
CA MET A 4 -1.57 -5.13 10.16
C MET A 4 -0.53 -4.61 9.12
N VAL A 5 -0.02 -5.50 8.28
CA VAL A 5 1.01 -5.25 7.25
C VAL A 5 0.56 -5.85 5.91
N CYS A 6 0.78 -5.14 4.80
CA CYS A 6 0.36 -5.55 3.46
C CYS A 6 0.98 -6.88 2.99
N ASP A 7 0.21 -7.67 2.24
CA ASP A 7 0.63 -8.95 1.68
C ASP A 7 1.58 -8.82 0.46
N VAL A 8 1.70 -7.62 -0.13
CA VAL A 8 2.51 -7.33 -1.32
C VAL A 8 3.70 -6.41 -1.04
N CYS A 9 3.46 -5.17 -0.58
CA CYS A 9 4.53 -4.20 -0.30
C CYS A 9 5.14 -4.32 1.11
N HIS A 10 4.63 -5.25 1.94
CA HIS A 10 5.05 -5.50 3.31
C HIS A 10 5.23 -4.22 4.15
N HIS A 11 4.34 -3.25 3.93
CA HIS A 11 4.28 -1.94 4.60
C HIS A 11 3.01 -1.82 5.45
N GLU A 12 3.02 -0.91 6.43
CA GLU A 12 1.89 -0.61 7.32
C GLU A 12 0.80 0.23 6.61
N CYS A 13 -0.42 0.22 7.16
CA CYS A 13 -1.58 1.00 6.70
C CYS A 13 -2.26 1.68 7.91
N GLU A 14 -3.14 2.67 7.71
CA GLU A 14 -3.80 3.38 8.82
C GLU A 14 -4.68 2.46 9.70
N THR A 15 -5.34 1.46 9.10
CA THR A 15 -6.21 0.49 9.82
C THR A 15 -6.08 -0.92 9.26
N ALA A 16 -6.49 -1.92 10.03
CA ALA A 16 -6.51 -3.33 9.62
C ALA A 16 -7.59 -3.63 8.54
N LYS A 17 -8.57 -2.74 8.37
CA LYS A 17 -9.65 -2.86 7.36
C LYS A 17 -9.21 -2.30 6.01
N GLU A 18 -8.60 -1.11 6.01
CA GLU A 18 -8.06 -0.48 4.78
C GLU A 18 -6.88 -1.27 4.19
N LEU A 19 -6.24 -2.13 5.00
CA LEU A 19 -5.17 -3.04 4.63
C LEU A 19 -5.55 -3.99 3.48
N GLU A 20 -6.84 -4.35 3.36
CA GLU A 20 -7.36 -5.17 2.28
C GLU A 20 -7.37 -4.38 0.96
N SER A 21 -7.81 -3.12 0.99
CA SER A 21 -7.79 -2.21 -0.17
C SER A 21 -6.34 -1.93 -0.60
N HIS A 22 -5.42 -1.85 0.38
CA HIS A 22 -3.99 -1.64 0.16
C HIS A 22 -3.41 -2.77 -0.71
N ARG A 23 -3.47 -4.03 -0.25
CA ARG A 23 -2.98 -5.20 -1.01
C ARG A 23 -3.64 -5.39 -2.38
N GLN A 24 -4.95 -5.13 -2.48
CA GLN A 24 -5.69 -5.20 -3.75
C GLN A 24 -5.24 -4.14 -4.78
N SER A 25 -4.57 -3.08 -4.33
CA SER A 25 -4.01 -2.02 -5.20
C SER A 25 -2.52 -2.31 -5.49
N CYS A 26 -1.75 -2.72 -4.47
CA CYS A 26 -0.35 -3.12 -4.57
C CYS A 26 -0.10 -4.23 -5.59
N ILE A 27 -0.97 -5.24 -5.65
CA ILE A 27 -0.88 -6.36 -6.60
C ILE A 27 -0.91 -5.89 -8.07
N ASN A 28 -1.39 -4.67 -8.31
CA ASN A 28 -1.47 -3.98 -9.60
C ASN A 28 -0.51 -2.77 -9.69
N GLY A 29 0.38 -2.58 -8.71
CA GLY A 29 1.36 -1.49 -8.64
C GLY A 29 0.76 -0.10 -8.40
N GLN A 30 -0.42 -0.02 -7.78
CA GLN A 30 -1.19 1.22 -7.57
C GLN A 30 -1.47 1.54 -6.10
N CYS A 31 -1.63 2.82 -5.76
CA CYS A 31 -2.02 3.28 -4.42
C CYS A 31 -3.56 3.23 -4.27
N PRO A 32 -4.13 2.76 -3.13
CA PRO A 32 -5.57 2.66 -2.91
C PRO A 32 -6.37 3.99 -2.96
N TYR A 33 -5.74 5.17 -2.83
CA TYR A 33 -6.46 6.45 -2.82
C TYR A 33 -5.87 7.62 -3.63
N CYS A 34 -4.54 7.83 -3.69
CA CYS A 34 -3.99 8.91 -4.52
C CYS A 34 -3.86 8.51 -6.01
N MET A 35 -4.13 7.23 -6.30
CA MET A 35 -4.14 6.58 -7.61
C MET A 35 -2.81 6.64 -8.38
N THR A 36 -1.70 6.93 -7.71
CA THR A 36 -0.34 6.89 -8.30
C THR A 36 -0.04 5.43 -8.72
N ILE A 37 0.66 5.25 -9.84
CA ILE A 37 1.03 3.93 -10.39
C ILE A 37 2.55 3.83 -10.60
N THR A 38 3.10 2.68 -10.24
CA THR A 38 4.51 2.27 -10.33
C THR A 38 4.60 0.74 -10.50
N GLU A 39 5.77 0.12 -10.35
CA GLU A 39 5.92 -1.34 -10.42
C GLU A 39 5.24 -2.04 -9.22
N ALA A 40 4.75 -3.27 -9.40
CA ALA A 40 4.10 -4.05 -8.34
C ALA A 40 5.10 -4.65 -7.31
N THR A 41 6.40 -4.35 -7.42
CA THR A 41 7.45 -4.81 -6.50
C THR A 41 7.37 -4.09 -5.15
N GLU A 42 7.81 -4.75 -4.08
CA GLU A 42 7.85 -4.17 -2.74
C GLU A 42 8.78 -2.96 -2.67
N SER A 43 9.90 -2.96 -3.39
CA SER A 43 10.86 -1.85 -3.44
C SER A 43 10.25 -0.56 -4.02
N ALA A 44 9.46 -0.68 -5.09
CA ALA A 44 8.80 0.47 -5.72
C ALA A 44 7.63 0.99 -4.88
N LEU A 45 6.82 0.07 -4.33
CA LEU A 45 5.66 0.42 -3.48
C LEU A 45 6.08 1.03 -2.13
N GLN A 46 7.10 0.49 -1.45
CA GLN A 46 7.60 1.06 -0.20
C GLN A 46 8.10 2.50 -0.39
N ALA A 47 8.79 2.79 -1.52
CA ALA A 47 9.24 4.14 -1.84
C ALA A 47 8.05 5.13 -1.98
N HIS A 48 6.92 4.67 -2.52
CA HIS A 48 5.70 5.46 -2.63
C HIS A 48 5.04 5.68 -1.25
N TYR A 49 4.77 4.59 -0.52
CA TYR A 49 4.12 4.66 0.80
C TYR A 49 4.95 5.40 1.87
N SER A 50 6.26 5.55 1.67
CA SER A 50 7.13 6.37 2.54
C SER A 50 6.75 7.86 2.52
N ILE A 51 6.04 8.32 1.47
CA ILE A 51 5.61 9.72 1.27
C ILE A 51 4.09 9.91 1.12
N CYS A 52 3.29 8.83 1.15
CA CYS A 52 1.83 8.84 1.01
C CYS A 52 1.11 8.42 2.31
N LYS A 53 0.06 9.16 2.66
CA LYS A 53 -0.81 8.95 3.84
C LYS A 53 -2.31 9.02 3.53
N LEU A 54 -2.68 9.14 2.26
CA LEU A 54 -4.09 9.12 1.82
C LEU A 54 -4.67 7.69 1.82
N THR A 55 -3.83 6.67 2.02
CA THR A 55 -4.12 5.22 2.06
C THR A 55 -5.28 4.78 2.96
N GLY A 56 -5.71 5.62 3.91
CA GLY A 56 -6.83 5.37 4.82
C GLY A 56 -7.67 6.63 5.11
N ARG A 57 -7.67 7.60 4.18
CA ARG A 57 -8.39 8.89 4.26
C ARG A 57 -9.87 8.79 4.66
N MET A 1 3.73 -10.12 14.18
CA MET A 1 3.79 -9.27 12.96
C MET A 1 3.04 -9.94 11.81
N GLY A 2 1.92 -9.36 11.36
CA GLY A 2 1.12 -9.90 10.23
C GLY A 2 -0.34 -9.45 10.19
N SER A 3 -0.98 -9.30 11.36
CA SER A 3 -2.41 -8.92 11.52
C SER A 3 -2.81 -7.59 10.86
N MET A 4 -1.87 -6.65 10.72
CA MET A 4 -2.06 -5.32 10.14
C MET A 4 -1.03 -5.04 9.02
N VAL A 5 -0.60 -6.09 8.30
CA VAL A 5 0.46 -6.03 7.27
C VAL A 5 -0.04 -6.49 5.89
N CYS A 6 0.42 -5.79 4.84
CA CYS A 6 0.10 -6.03 3.43
C CYS A 6 0.72 -7.35 2.89
N ASP A 7 0.20 -7.86 1.76
CA ASP A 7 0.66 -9.08 1.10
C ASP A 7 1.83 -8.89 0.12
N VAL A 8 2.16 -7.65 -0.28
CA VAL A 8 3.17 -7.33 -1.30
C VAL A 8 4.27 -6.40 -0.79
N CYS A 9 3.93 -5.17 -0.38
CA CYS A 9 4.90 -4.19 0.13
C CYS A 9 5.17 -4.32 1.64
N HIS A 10 4.53 -5.29 2.31
CA HIS A 10 4.60 -5.58 3.74
C HIS A 10 4.52 -4.32 4.65
N HIS A 11 3.81 -3.29 4.17
CA HIS A 11 3.56 -2.02 4.86
C HIS A 11 2.47 -2.19 5.93
N GLU A 12 2.44 -1.25 6.88
CA GLU A 12 1.45 -1.15 7.97
C GLU A 12 0.54 0.06 7.68
N CYS A 13 -0.56 -0.18 6.96
CA CYS A 13 -1.53 0.84 6.55
C CYS A 13 -2.10 1.64 7.75
N GLU A 14 -2.63 2.84 7.49
CA GLU A 14 -3.21 3.74 8.50
C GLU A 14 -4.31 3.09 9.36
N THR A 15 -5.07 2.15 8.79
CA THR A 15 -6.12 1.37 9.46
C THR A 15 -6.12 -0.09 8.97
N ALA A 16 -6.67 -1.01 9.78
CA ALA A 16 -6.80 -2.42 9.41
C ALA A 16 -7.90 -2.68 8.33
N LYS A 17 -8.73 -1.66 8.04
CA LYS A 17 -9.81 -1.70 7.05
C LYS A 17 -9.31 -1.24 5.68
N GLU A 18 -8.57 -0.12 5.65
CA GLU A 18 -7.96 0.44 4.43
C GLU A 18 -6.89 -0.52 3.87
N LEU A 19 -6.30 -1.34 4.74
CA LEU A 19 -5.33 -2.39 4.42
C LEU A 19 -5.88 -3.40 3.39
N GLU A 20 -7.19 -3.69 3.41
CA GLU A 20 -7.84 -4.60 2.46
C GLU A 20 -7.82 -4.02 1.03
N SER A 21 -7.90 -2.70 0.88
CA SER A 21 -7.77 -2.02 -0.41
C SER A 21 -6.29 -1.91 -0.80
N HIS A 22 -5.40 -1.69 0.18
CA HIS A 22 -3.94 -1.59 0.02
C HIS A 22 -3.40 -2.84 -0.69
N ARG A 23 -3.60 -4.02 -0.08
CA ARG A 23 -3.14 -5.31 -0.64
C ARG A 23 -3.68 -5.65 -2.04
N GLN A 24 -4.88 -5.18 -2.38
CA GLN A 24 -5.49 -5.35 -3.71
C GLN A 24 -4.95 -4.34 -4.76
N SER A 25 -4.41 -3.21 -4.32
CA SER A 25 -3.84 -2.17 -5.19
C SER A 25 -2.36 -2.44 -5.47
N CYS A 26 -1.59 -2.90 -4.48
CA CYS A 26 -0.17 -3.26 -4.60
C CYS A 26 0.12 -4.31 -5.68
N ILE A 27 -0.68 -5.38 -5.76
CA ILE A 27 -0.55 -6.44 -6.77
C ILE A 27 -0.72 -5.89 -8.20
N ASN A 28 -1.39 -4.75 -8.34
CA ASN A 28 -1.59 -3.99 -9.59
C ASN A 28 -0.64 -2.78 -9.73
N GLY A 29 0.32 -2.62 -8.81
CA GLY A 29 1.31 -1.52 -8.79
C GLY A 29 0.71 -0.12 -8.54
N GLN A 30 -0.44 -0.05 -7.87
CA GLN A 30 -1.20 1.18 -7.65
C GLN A 30 -1.43 1.50 -6.16
N CYS A 31 -1.64 2.78 -5.84
CA CYS A 31 -2.00 3.25 -4.50
C CYS A 31 -3.54 3.13 -4.28
N PRO A 32 -4.02 2.68 -3.11
CA PRO A 32 -5.45 2.53 -2.84
C PRO A 32 -6.28 3.82 -2.77
N TYR A 33 -5.65 5.01 -2.65
CA TYR A 33 -6.40 6.29 -2.51
C TYR A 33 -5.91 7.45 -3.40
N CYS A 34 -4.61 7.73 -3.53
CA CYS A 34 -4.15 8.80 -4.44
C CYS A 34 -4.04 8.29 -5.91
N MET A 35 -4.19 6.98 -6.09
CA MET A 35 -4.16 6.23 -7.35
C MET A 35 -2.87 6.41 -8.18
N THR A 36 -1.75 6.78 -7.53
CA THR A 36 -0.42 6.82 -8.15
C THR A 36 -0.06 5.40 -8.63
N ILE A 37 0.63 5.28 -9.77
CA ILE A 37 1.02 4.00 -10.37
C ILE A 37 2.54 3.91 -10.54
N THR A 38 3.10 2.74 -10.23
CA THR A 38 4.51 2.38 -10.30
C THR A 38 4.64 0.86 -10.51
N GLU A 39 5.85 0.28 -10.42
CA GLU A 39 6.04 -1.17 -10.55
C GLU A 39 5.37 -1.93 -9.38
N ALA A 40 4.79 -3.10 -9.65
CA ALA A 40 4.12 -3.96 -8.66
C ALA A 40 5.12 -4.76 -7.80
N THR A 41 6.16 -4.09 -7.29
CA THR A 41 7.25 -4.66 -6.48
C THR A 41 7.41 -3.93 -5.15
N GLU A 42 7.90 -4.63 -4.12
CA GLU A 42 8.12 -4.07 -2.79
C GLU A 42 9.05 -2.84 -2.80
N SER A 43 10.14 -2.88 -3.57
CA SER A 43 11.09 -1.77 -3.70
C SER A 43 10.43 -0.47 -4.20
N ALA A 44 9.51 -0.58 -5.16
CA ALA A 44 8.77 0.54 -5.72
C ALA A 44 7.59 0.99 -4.84
N LEU A 45 6.87 0.04 -4.23
CA LEU A 45 5.70 0.34 -3.40
C LEU A 45 6.08 0.87 -2.01
N GLN A 46 7.13 0.34 -1.36
CA GLN A 46 7.60 0.90 -0.09
C GLN A 46 8.07 2.36 -0.28
N ALA A 47 8.71 2.67 -1.42
CA ALA A 47 9.11 4.03 -1.76
C ALA A 47 7.88 4.94 -1.91
N HIS A 48 6.79 4.46 -2.55
CA HIS A 48 5.51 5.18 -2.66
C HIS A 48 4.93 5.46 -1.26
N TYR A 49 4.71 4.42 -0.44
CA TYR A 49 4.10 4.59 0.89
C TYR A 49 4.98 5.36 1.89
N SER A 50 6.29 5.48 1.65
CA SER A 50 7.19 6.32 2.45
C SER A 50 6.85 7.83 2.31
N ILE A 51 6.14 8.22 1.25
CA ILE A 51 5.72 9.61 0.95
C ILE A 51 4.19 9.79 0.82
N CYS A 52 3.40 8.72 0.96
CA CYS A 52 1.95 8.72 0.82
C CYS A 52 1.23 8.26 2.10
N LYS A 53 0.36 9.14 2.62
CA LYS A 53 -0.53 8.92 3.78
C LYS A 53 -1.99 9.21 3.46
N LEU A 54 -2.30 9.50 2.18
CA LEU A 54 -3.67 9.66 1.67
C LEU A 54 -4.44 8.32 1.71
N THR A 55 -3.73 7.21 1.92
CA THR A 55 -4.19 5.83 2.10
C THR A 55 -5.22 5.63 3.23
N GLY A 56 -5.40 6.65 4.08
CA GLY A 56 -6.37 6.68 5.20
C GLY A 56 -7.02 8.05 5.40
N ARG A 57 -7.11 8.87 4.33
CA ARG A 57 -7.70 10.21 4.34
C ARG A 57 -9.16 10.26 4.83
N MET A 1 3.90 -1.89 14.12
CA MET A 1 4.15 -2.75 12.94
C MET A 1 4.38 -4.20 13.36
N GLY A 2 3.64 -5.14 12.76
CA GLY A 2 3.77 -6.59 13.02
C GLY A 2 2.55 -7.44 12.62
N SER A 3 1.33 -6.88 12.69
CA SER A 3 0.06 -7.58 12.40
C SER A 3 -0.90 -6.84 11.46
N MET A 4 -0.57 -5.62 11.04
CA MET A 4 -1.36 -4.75 10.15
C MET A 4 -0.52 -4.29 8.94
N VAL A 5 0.21 -5.26 8.37
CA VAL A 5 1.18 -5.11 7.27
C VAL A 5 0.65 -5.78 5.99
N CYS A 6 0.78 -5.08 4.86
CA CYS A 6 0.33 -5.54 3.54
C CYS A 6 1.03 -6.85 3.08
N ASP A 7 0.26 -7.73 2.43
CA ASP A 7 0.75 -9.00 1.88
C ASP A 7 1.69 -8.85 0.66
N VAL A 8 1.79 -7.66 0.06
CA VAL A 8 2.62 -7.37 -1.11
C VAL A 8 3.78 -6.42 -0.78
N CYS A 9 3.51 -5.13 -0.56
CA CYS A 9 4.54 -4.13 -0.26
C CYS A 9 5.21 -4.26 1.12
N HIS A 10 4.74 -5.16 1.97
CA HIS A 10 5.24 -5.43 3.32
C HIS A 10 5.45 -4.15 4.17
N HIS A 11 4.53 -3.19 4.01
CA HIS A 11 4.48 -1.91 4.71
C HIS A 11 3.22 -1.84 5.60
N GLU A 12 3.28 -1.10 6.70
CA GLU A 12 2.15 -0.89 7.61
C GLU A 12 1.04 -0.03 6.95
N CYS A 13 -0.23 -0.36 7.17
CA CYS A 13 -1.38 0.39 6.65
C CYS A 13 -1.94 1.38 7.70
N GLU A 14 -2.88 2.26 7.30
CA GLU A 14 -3.52 3.20 8.23
C GLU A 14 -4.49 2.50 9.20
N THR A 15 -5.24 1.50 8.73
CA THR A 15 -6.22 0.71 9.53
C THR A 15 -6.26 -0.76 9.07
N ALA A 16 -6.85 -1.64 9.90
CA ALA A 16 -7.05 -3.05 9.57
C ALA A 16 -8.11 -3.28 8.47
N LYS A 17 -8.93 -2.26 8.15
CA LYS A 17 -9.97 -2.29 7.11
C LYS A 17 -9.41 -1.85 5.76
N GLU A 18 -8.63 -0.76 5.75
CA GLU A 18 -7.98 -0.26 4.53
C GLU A 18 -6.88 -1.22 4.03
N LEU A 19 -6.38 -2.09 4.89
CA LEU A 19 -5.38 -3.13 4.61
C LEU A 19 -5.76 -4.02 3.41
N GLU A 20 -7.05 -4.33 3.26
CA GLU A 20 -7.60 -5.11 2.14
C GLU A 20 -7.49 -4.32 0.82
N SER A 21 -7.88 -3.04 0.83
CA SER A 21 -7.75 -2.14 -0.33
C SER A 21 -6.28 -1.92 -0.71
N HIS A 22 -5.39 -1.88 0.30
CA HIS A 22 -3.94 -1.72 0.14
C HIS A 22 -3.36 -2.87 -0.68
N ARG A 23 -3.50 -4.13 -0.21
CA ARG A 23 -2.99 -5.32 -0.93
C ARG A 23 -3.56 -5.48 -2.34
N GLN A 24 -4.85 -5.18 -2.54
CA GLN A 24 -5.50 -5.24 -3.86
C GLN A 24 -5.02 -4.13 -4.82
N SER A 25 -4.43 -3.05 -4.31
CA SER A 25 -3.83 -1.99 -5.14
C SER A 25 -2.37 -2.34 -5.43
N CYS A 26 -1.61 -2.76 -4.42
CA CYS A 26 -0.21 -3.20 -4.52
C CYS A 26 0.03 -4.31 -5.55
N ILE A 27 -0.82 -5.34 -5.55
CA ILE A 27 -0.74 -6.47 -6.49
C ILE A 27 -0.82 -6.01 -7.97
N ASN A 28 -1.35 -4.80 -8.21
CA ASN A 28 -1.49 -4.16 -9.53
C ASN A 28 -0.54 -2.94 -9.70
N GLY A 29 0.35 -2.68 -8.75
CA GLY A 29 1.32 -1.57 -8.78
C GLY A 29 0.75 -0.17 -8.47
N GLN A 30 -0.49 -0.09 -7.97
CA GLN A 30 -1.19 1.16 -7.66
C GLN A 30 -1.28 1.43 -6.14
N CYS A 31 -1.49 2.69 -5.77
CA CYS A 31 -1.68 3.16 -4.40
C CYS A 31 -3.16 3.55 -4.14
N PRO A 32 -3.79 3.09 -3.04
CA PRO A 32 -5.17 3.46 -2.71
C PRO A 32 -5.36 4.99 -2.59
N TYR A 33 -6.59 5.45 -2.83
CA TYR A 33 -7.13 6.82 -2.74
C TYR A 33 -6.40 7.99 -3.47
N CYS A 34 -5.09 7.92 -3.76
CA CYS A 34 -4.36 8.91 -4.57
C CYS A 34 -4.17 8.40 -6.02
N MET A 35 -4.39 7.10 -6.25
CA MET A 35 -4.32 6.35 -7.51
C MET A 35 -2.97 6.38 -8.26
N THR A 36 -1.89 6.87 -7.64
CA THR A 36 -0.53 6.85 -8.24
C THR A 36 -0.11 5.42 -8.61
N ILE A 37 0.59 5.24 -9.72
CA ILE A 37 1.02 3.92 -10.24
C ILE A 37 2.55 3.85 -10.40
N THR A 38 3.12 2.70 -10.06
CA THR A 38 4.53 2.33 -10.15
C THR A 38 4.63 0.80 -10.37
N GLU A 39 5.82 0.20 -10.26
CA GLU A 39 5.97 -1.27 -10.39
C GLU A 39 5.30 -2.00 -9.21
N ALA A 40 4.78 -3.21 -9.44
CA ALA A 40 4.14 -4.03 -8.40
C ALA A 40 5.14 -4.68 -7.40
N THR A 41 6.43 -4.35 -7.51
CA THR A 41 7.50 -4.85 -6.61
C THR A 41 7.44 -4.13 -5.27
N GLU A 42 7.76 -4.84 -4.19
CA GLU A 42 7.77 -4.28 -2.83
C GLU A 42 8.65 -3.04 -2.68
N SER A 43 9.83 -3.02 -3.30
CA SER A 43 10.78 -1.91 -3.26
C SER A 43 10.21 -0.63 -3.91
N ALA A 44 9.51 -0.75 -5.04
CA ALA A 44 8.90 0.40 -5.72
C ALA A 44 7.68 0.91 -4.94
N LEU A 45 6.87 0.01 -4.39
CA LEU A 45 5.69 0.34 -3.59
C LEU A 45 6.10 1.02 -2.27
N GLN A 46 7.09 0.48 -1.55
CA GLN A 46 7.62 1.08 -0.31
C GLN A 46 8.14 2.50 -0.54
N ALA A 47 8.81 2.76 -1.67
CA ALA A 47 9.28 4.10 -2.02
C ALA A 47 8.12 5.12 -2.14
N HIS A 48 6.93 4.66 -2.58
CA HIS A 48 5.75 5.51 -2.64
C HIS A 48 5.11 5.69 -1.26
N TYR A 49 4.84 4.60 -0.53
CA TYR A 49 4.24 4.64 0.81
C TYR A 49 5.10 5.39 1.86
N SER A 50 6.41 5.53 1.62
CA SER A 50 7.31 6.32 2.47
C SER A 50 6.92 7.82 2.47
N ILE A 51 6.20 8.28 1.45
CA ILE A 51 5.74 9.68 1.27
C ILE A 51 4.21 9.83 1.10
N CYS A 52 3.44 8.72 1.12
CA CYS A 52 1.99 8.69 0.93
C CYS A 52 1.22 8.10 2.13
N LYS A 53 0.20 8.81 2.59
CA LYS A 53 -0.74 8.41 3.65
C LYS A 53 -2.22 8.67 3.27
N LEU A 54 -2.48 9.09 2.02
CA LEU A 54 -3.84 9.26 1.48
C LEU A 54 -4.59 7.92 1.42
N THR A 55 -3.85 6.81 1.47
CA THR A 55 -4.26 5.40 1.46
C THR A 55 -5.44 5.04 2.38
N GLY A 56 -5.69 5.83 3.43
CA GLY A 56 -6.78 5.65 4.38
C GLY A 56 -7.29 6.99 4.94
N ARG A 57 -7.24 8.07 4.14
CA ARG A 57 -7.64 9.44 4.53
C ARG A 57 -8.52 10.11 3.46
N MET A 1 6.57 -9.30 11.38
CA MET A 1 5.39 -9.41 10.47
C MET A 1 4.14 -9.71 11.30
N GLY A 2 3.00 -9.12 10.95
CA GLY A 2 1.71 -9.30 11.64
C GLY A 2 0.49 -8.97 10.77
N SER A 3 -0.71 -9.11 11.32
CA SER A 3 -2.00 -8.89 10.64
C SER A 3 -2.19 -7.50 9.99
N MET A 4 -1.43 -6.48 10.42
CA MET A 4 -1.49 -5.11 9.86
C MET A 4 -0.50 -4.88 8.70
N VAL A 5 0.27 -5.91 8.29
CA VAL A 5 1.26 -5.84 7.20
C VAL A 5 0.68 -6.43 5.90
N CYS A 6 0.83 -5.70 4.80
CA CYS A 6 0.35 -6.05 3.47
C CYS A 6 0.99 -7.34 2.91
N ASP A 7 0.20 -8.10 2.13
CA ASP A 7 0.62 -9.35 1.47
C ASP A 7 1.61 -9.16 0.31
N VAL A 8 1.77 -7.95 -0.24
CA VAL A 8 2.64 -7.64 -1.37
C VAL A 8 3.82 -6.75 -0.97
N CYS A 9 3.59 -5.47 -0.71
CA CYS A 9 4.62 -4.49 -0.36
C CYS A 9 5.24 -4.66 1.05
N HIS A 10 4.75 -5.62 1.85
CA HIS A 10 5.18 -5.93 3.20
C HIS A 10 5.38 -4.68 4.08
N HIS A 11 4.46 -3.72 3.93
CA HIS A 11 4.38 -2.43 4.63
C HIS A 11 3.04 -2.29 5.37
N GLU A 12 2.94 -1.28 6.23
CA GLU A 12 1.72 -0.95 6.99
C GLU A 12 0.80 -0.01 6.18
N CYS A 13 -0.45 0.17 6.64
CA CYS A 13 -1.47 1.05 6.06
C CYS A 13 -2.06 1.99 7.15
N GLU A 14 -2.88 2.97 6.78
CA GLU A 14 -3.52 3.92 7.71
C GLU A 14 -4.31 3.19 8.82
N THR A 15 -5.00 2.09 8.46
CA THR A 15 -5.74 1.21 9.39
C THR A 15 -5.63 -0.26 8.93
N ALA A 16 -5.94 -1.21 9.82
CA ALA A 16 -5.96 -2.64 9.50
C ALA A 16 -7.12 -3.03 8.56
N LYS A 17 -8.10 -2.13 8.33
CA LYS A 17 -9.24 -2.34 7.43
C LYS A 17 -8.96 -1.77 6.03
N GLU A 18 -8.36 -0.58 5.94
CA GLU A 18 -7.96 0.03 4.67
C GLU A 18 -6.87 -0.80 3.95
N LEU A 19 -6.16 -1.65 4.72
CA LEU A 19 -5.17 -2.62 4.25
C LEU A 19 -5.72 -3.57 3.17
N GLU A 20 -7.04 -3.86 3.20
CA GLU A 20 -7.70 -4.68 2.17
C GLU A 20 -7.69 -3.99 0.79
N SER A 21 -7.85 -2.66 0.76
CA SER A 21 -7.74 -1.85 -0.46
C SER A 21 -6.27 -1.72 -0.88
N HIS A 22 -5.37 -1.63 0.11
CA HIS A 22 -3.92 -1.55 -0.07
C HIS A 22 -3.39 -2.77 -0.85
N ARG A 23 -3.58 -3.99 -0.35
CA ARG A 23 -3.11 -5.22 -1.03
C ARG A 23 -3.67 -5.43 -2.44
N GLN A 24 -4.93 -5.08 -2.67
CA GLN A 24 -5.56 -5.16 -4.01
C GLN A 24 -5.01 -4.10 -4.98
N SER A 25 -4.43 -3.01 -4.47
CA SER A 25 -3.78 -1.99 -5.29
C SER A 25 -2.33 -2.41 -5.57
N CYS A 26 -1.57 -2.87 -4.56
CA CYS A 26 -0.19 -3.35 -4.67
C CYS A 26 0.02 -4.40 -5.76
N ILE A 27 -0.84 -5.42 -5.79
CA ILE A 27 -0.79 -6.52 -6.77
C ILE A 27 -0.90 -6.02 -8.24
N ASN A 28 -1.41 -4.80 -8.43
CA ASN A 28 -1.58 -4.10 -9.71
C ASN A 28 -0.62 -2.87 -9.86
N GLY A 29 0.31 -2.66 -8.92
CA GLY A 29 1.26 -1.54 -8.92
C GLY A 29 0.65 -0.17 -8.53
N GLN A 30 -0.55 -0.16 -7.97
CA GLN A 30 -1.29 1.04 -7.57
C GLN A 30 -1.17 1.31 -6.05
N CYS A 31 -1.39 2.57 -5.66
CA CYS A 31 -1.50 3.03 -4.28
C CYS A 31 -3.00 3.30 -3.97
N PRO A 32 -3.55 2.85 -2.82
CA PRO A 32 -4.95 3.10 -2.50
C PRO A 32 -5.24 4.59 -2.30
N TYR A 33 -6.49 4.99 -2.50
CA TYR A 33 -7.07 6.33 -2.36
C TYR A 33 -6.40 7.55 -3.04
N CYS A 34 -5.21 7.41 -3.65
CA CYS A 34 -4.52 8.44 -4.44
C CYS A 34 -4.27 7.97 -5.89
N MET A 35 -4.40 6.66 -6.14
CA MET A 35 -4.29 5.95 -7.42
C MET A 35 -2.99 6.19 -8.22
N THR A 36 -1.91 6.60 -7.57
CA THR A 36 -0.58 6.71 -8.21
C THR A 36 -0.12 5.31 -8.64
N ILE A 37 0.50 5.20 -9.83
CA ILE A 37 0.97 3.92 -10.41
C ILE A 37 2.50 3.86 -10.44
N THR A 38 3.03 2.72 -10.02
CA THR A 38 4.45 2.33 -9.96
C THR A 38 4.57 0.81 -10.26
N GLU A 39 5.77 0.21 -10.17
CA GLU A 39 5.91 -1.25 -10.36
C GLU A 39 5.27 -2.02 -9.19
N ALA A 40 4.70 -3.20 -9.48
CA ALA A 40 4.04 -4.08 -8.52
C ALA A 40 5.02 -4.89 -7.63
N THR A 41 6.10 -4.25 -7.17
CA THR A 41 7.17 -4.83 -6.33
C THR A 41 7.32 -4.04 -5.03
N GLU A 42 7.71 -4.72 -3.95
CA GLU A 42 7.88 -4.09 -2.64
C GLU A 42 8.88 -2.92 -2.65
N SER A 43 9.97 -3.02 -3.42
CA SER A 43 10.99 -1.97 -3.55
C SER A 43 10.42 -0.67 -4.13
N ALA A 44 9.53 -0.76 -5.12
CA ALA A 44 8.88 0.40 -5.74
C ALA A 44 7.70 0.94 -4.90
N LEU A 45 6.87 0.04 -4.37
CA LEU A 45 5.70 0.39 -3.56
C LEU A 45 6.10 1.05 -2.22
N GLN A 46 7.07 0.50 -1.48
CA GLN A 46 7.56 1.09 -0.22
C GLN A 46 8.11 2.51 -0.42
N ALA A 47 8.78 2.78 -1.55
CA ALA A 47 9.30 4.12 -1.87
C ALA A 47 8.17 5.16 -2.01
N HIS A 48 6.96 4.74 -2.44
CA HIS A 48 5.80 5.61 -2.53
C HIS A 48 5.21 5.89 -1.14
N TYR A 49 5.00 4.86 -0.31
CA TYR A 49 4.45 5.02 1.06
C TYR A 49 5.36 5.85 1.98
N SER A 50 6.65 5.97 1.66
CA SER A 50 7.60 6.83 2.39
C SER A 50 7.23 8.32 2.28
N ILE A 51 6.43 8.70 1.28
CA ILE A 51 5.97 10.07 1.01
C ILE A 51 4.43 10.21 0.89
N CYS A 52 3.67 9.10 0.92
CA CYS A 52 2.21 9.07 0.78
C CYS A 52 1.48 8.74 2.10
N LYS A 53 0.44 9.53 2.39
CA LYS A 53 -0.45 9.44 3.56
C LYS A 53 -1.95 9.40 3.20
N LEU A 54 -2.27 9.51 1.90
CA LEU A 54 -3.64 9.49 1.38
C LEU A 54 -4.28 8.08 1.37
N THR A 55 -3.51 7.04 1.68
CA THR A 55 -3.93 5.61 1.72
C THR A 55 -5.20 5.30 2.51
N GLY A 56 -5.63 6.20 3.40
CA GLY A 56 -6.86 6.12 4.19
C GLY A 56 -7.48 7.51 4.43
N ARG A 57 -7.36 8.41 3.43
CA ARG A 57 -7.86 9.81 3.45
C ARG A 57 -9.32 9.98 3.91
N MET A 1 6.75 -7.92 12.88
CA MET A 1 5.64 -7.95 11.88
C MET A 1 4.34 -8.44 12.51
N GLY A 2 3.21 -8.21 11.84
CA GLY A 2 1.86 -8.61 12.27
C GLY A 2 0.82 -8.45 11.14
N SER A 3 -0.44 -8.78 11.42
CA SER A 3 -1.55 -8.70 10.46
C SER A 3 -1.72 -7.33 9.78
N MET A 4 -1.35 -6.24 10.47
CA MET A 4 -1.41 -4.85 9.99
C MET A 4 -0.45 -4.54 8.80
N VAL A 5 0.46 -5.46 8.48
CA VAL A 5 1.44 -5.34 7.38
C VAL A 5 0.88 -5.93 6.08
N CYS A 6 0.95 -5.16 4.98
CA CYS A 6 0.45 -5.56 3.66
C CYS A 6 1.09 -6.85 3.12
N ASP A 7 0.29 -7.65 2.41
CA ASP A 7 0.69 -8.91 1.78
C ASP A 7 1.65 -8.75 0.57
N VAL A 8 1.76 -7.55 0.00
CA VAL A 8 2.59 -7.25 -1.19
C VAL A 8 3.74 -6.28 -0.90
N CYS A 9 3.46 -5.05 -0.43
CA CYS A 9 4.48 -4.04 -0.15
C CYS A 9 5.15 -4.17 1.23
N HIS A 10 4.75 -5.17 2.03
CA HIS A 10 5.25 -5.46 3.38
C HIS A 10 5.47 -4.22 4.26
N HIS A 11 4.54 -3.27 4.16
CA HIS A 11 4.50 -2.00 4.88
C HIS A 11 3.23 -1.98 5.78
N GLU A 12 3.30 -1.31 6.94
CA GLU A 12 2.15 -1.17 7.84
C GLU A 12 1.08 -0.26 7.18
N CYS A 13 -0.18 -0.72 7.14
CA CYS A 13 -1.27 0.04 6.53
C CYS A 13 -1.73 1.23 7.41
N GLU A 14 -2.47 2.18 6.82
CA GLU A 14 -3.01 3.36 7.51
C GLU A 14 -3.97 2.95 8.67
N THR A 15 -4.88 2.00 8.41
CA THR A 15 -5.83 1.44 9.38
C THR A 15 -6.10 -0.05 9.13
N ALA A 16 -6.70 -0.75 10.09
CA ALA A 16 -7.10 -2.16 9.95
C ALA A 16 -8.24 -2.38 8.93
N LYS A 17 -8.99 -1.31 8.58
CA LYS A 17 -10.06 -1.31 7.59
C LYS A 17 -9.51 -1.14 6.17
N GLU A 18 -8.55 -0.23 5.98
CA GLU A 18 -7.93 0.01 4.67
C GLU A 18 -6.98 -1.13 4.24
N LEU A 19 -6.56 -1.96 5.21
CA LEU A 19 -5.64 -3.10 5.07
C LEU A 19 -5.88 -3.99 3.85
N GLU A 20 -7.11 -4.44 3.61
CA GLU A 20 -7.41 -5.29 2.44
C GLU A 20 -7.41 -4.47 1.13
N SER A 21 -7.97 -3.26 1.15
CA SER A 21 -7.96 -2.35 0.00
C SER A 21 -6.53 -2.03 -0.46
N HIS A 22 -5.58 -1.97 0.48
CA HIS A 22 -4.16 -1.71 0.23
C HIS A 22 -3.55 -2.80 -0.67
N ARG A 23 -3.56 -4.07 -0.23
CA ARG A 23 -3.03 -5.20 -1.01
C ARG A 23 -3.67 -5.37 -2.39
N GLN A 24 -4.99 -5.10 -2.49
CA GLN A 24 -5.74 -5.17 -3.76
C GLN A 24 -5.26 -4.16 -4.83
N SER A 25 -4.56 -3.10 -4.42
CA SER A 25 -3.98 -2.10 -5.34
C SER A 25 -2.47 -2.34 -5.51
N CYS A 26 -1.75 -2.74 -4.46
CA CYS A 26 -0.33 -3.12 -4.51
C CYS A 26 -0.04 -4.20 -5.56
N ILE A 27 -0.88 -5.25 -5.60
CA ILE A 27 -0.77 -6.36 -6.55
C ILE A 27 -0.83 -5.90 -8.03
N ASN A 28 -1.35 -4.69 -8.27
CA ASN A 28 -1.47 -4.02 -9.57
C ASN A 28 -0.52 -2.80 -9.72
N GLY A 29 0.37 -2.55 -8.75
CA GLY A 29 1.32 -1.44 -8.75
C GLY A 29 0.69 -0.05 -8.57
N GLN A 30 -0.47 0.03 -7.91
CA GLN A 30 -1.25 1.25 -7.72
C GLN A 30 -1.48 1.61 -6.25
N CYS A 31 -1.54 2.91 -5.94
CA CYS A 31 -1.91 3.40 -4.61
C CYS A 31 -3.44 3.30 -4.42
N PRO A 32 -3.96 2.80 -3.28
CA PRO A 32 -5.40 2.64 -3.06
C PRO A 32 -6.22 3.94 -3.00
N TYR A 33 -5.61 5.14 -2.90
CA TYR A 33 -6.34 6.40 -2.79
C TYR A 33 -5.82 7.58 -3.64
N CYS A 34 -4.51 7.85 -3.73
CA CYS A 34 -4.00 8.92 -4.59
C CYS A 34 -3.85 8.47 -6.06
N MET A 35 -4.07 7.18 -6.31
CA MET A 35 -4.04 6.48 -7.59
C MET A 35 -2.70 6.55 -8.35
N THR A 36 -1.60 6.88 -7.67
CA THR A 36 -0.23 6.87 -8.25
C THR A 36 0.09 5.46 -8.78
N ILE A 37 0.73 5.39 -9.96
CA ILE A 37 1.09 4.13 -10.63
C ILE A 37 2.61 3.96 -10.69
N THR A 38 3.08 2.76 -10.37
CA THR A 38 4.49 2.32 -10.38
C THR A 38 4.55 0.79 -10.53
N GLU A 39 5.70 0.15 -10.33
CA GLU A 39 5.80 -1.32 -10.39
C GLU A 39 5.11 -1.98 -9.19
N ALA A 40 4.66 -3.23 -9.36
CA ALA A 40 4.03 -4.02 -8.29
C ALA A 40 5.04 -4.61 -7.27
N THR A 41 6.33 -4.26 -7.39
CA THR A 41 7.41 -4.72 -6.51
C THR A 41 7.45 -3.98 -5.18
N GLU A 42 7.97 -4.64 -4.14
CA GLU A 42 8.14 -4.07 -2.80
C GLU A 42 9.04 -2.83 -2.82
N SER A 43 10.15 -2.85 -3.55
CA SER A 43 11.07 -1.72 -3.67
C SER A 43 10.41 -0.46 -4.23
N ALA A 44 9.47 -0.63 -5.17
CA ALA A 44 8.72 0.48 -5.77
C ALA A 44 7.56 0.94 -4.88
N LEU A 45 6.84 0.01 -4.26
CA LEU A 45 5.69 0.34 -3.40
C LEU A 45 6.10 0.92 -2.04
N GLN A 46 7.17 0.43 -1.40
CA GLN A 46 7.65 1.03 -0.13
C GLN A 46 8.11 2.47 -0.36
N ALA A 47 8.81 2.75 -1.47
CA ALA A 47 9.21 4.11 -1.83
C ALA A 47 7.99 5.04 -1.96
N HIS A 48 6.87 4.54 -2.51
CA HIS A 48 5.61 5.26 -2.60
C HIS A 48 5.02 5.53 -1.20
N TYR A 49 4.79 4.50 -0.37
CA TYR A 49 4.16 4.69 0.95
C TYR A 49 5.01 5.47 1.96
N SER A 50 6.34 5.57 1.77
CA SER A 50 7.20 6.45 2.59
C SER A 50 6.86 7.94 2.41
N ILE A 51 6.17 8.32 1.32
CA ILE A 51 5.78 9.71 1.00
C ILE A 51 4.25 9.90 0.82
N CYS A 52 3.45 8.84 0.93
CA CYS A 52 2.00 8.84 0.76
C CYS A 52 1.25 8.41 2.04
N LYS A 53 0.33 9.29 2.49
CA LYS A 53 -0.56 9.10 3.66
C LYS A 53 -2.03 9.40 3.33
N LEU A 54 -2.36 9.45 2.03
CA LEU A 54 -3.73 9.61 1.51
C LEU A 54 -4.50 8.28 1.56
N THR A 55 -3.78 7.17 1.80
CA THR A 55 -4.20 5.76 1.91
C THR A 55 -5.31 5.42 2.91
N GLY A 56 -5.83 6.42 3.63
CA GLY A 56 -6.94 6.30 4.60
C GLY A 56 -7.74 7.59 4.74
N ARG A 57 -7.80 8.42 3.67
CA ARG A 57 -8.49 9.73 3.65
C ARG A 57 -9.73 9.72 2.72
N MET A 1 6.70 -7.42 12.58
CA MET A 1 5.64 -7.77 11.59
C MET A 1 4.36 -8.23 12.31
N GLY A 2 3.19 -7.96 11.73
CA GLY A 2 1.88 -8.34 12.29
C GLY A 2 0.73 -8.20 11.28
N SER A 3 -0.50 -8.44 11.73
CA SER A 3 -1.73 -8.37 10.92
C SER A 3 -2.00 -7.03 10.22
N MET A 4 -1.38 -5.93 10.68
CA MET A 4 -1.51 -4.58 10.10
C MET A 4 -0.54 -4.34 8.90
N VAL A 5 0.20 -5.36 8.46
CA VAL A 5 1.17 -5.29 7.35
C VAL A 5 0.62 -5.91 6.07
N CYS A 6 0.77 -5.21 4.94
CA CYS A 6 0.31 -5.62 3.61
C CYS A 6 1.01 -6.90 3.10
N ASP A 7 0.26 -7.72 2.35
CA ASP A 7 0.74 -8.98 1.75
C ASP A 7 1.74 -8.81 0.58
N VAL A 8 1.92 -7.60 0.04
CA VAL A 8 2.81 -7.31 -1.08
C VAL A 8 3.95 -6.37 -0.70
N CYS A 9 3.69 -5.08 -0.45
CA CYS A 9 4.69 -4.08 -0.10
C CYS A 9 5.26 -4.21 1.33
N HIS A 10 4.77 -5.17 2.12
CA HIS A 10 5.18 -5.44 3.51
C HIS A 10 5.35 -4.16 4.37
N HIS A 11 4.42 -3.22 4.16
CA HIS A 11 4.30 -1.92 4.81
C HIS A 11 2.93 -1.78 5.50
N GLU A 12 2.81 -0.80 6.39
CA GLU A 12 1.57 -0.44 7.07
C GLU A 12 0.63 0.42 6.18
N CYS A 13 -0.58 0.67 6.68
CA CYS A 13 -1.61 1.52 6.05
C CYS A 13 -2.18 2.49 7.12
N GLU A 14 -2.89 3.54 6.71
CA GLU A 14 -3.50 4.51 7.62
C GLU A 14 -4.43 3.85 8.65
N THR A 15 -5.10 2.75 8.28
CA THR A 15 -5.94 1.92 9.16
C THR A 15 -5.78 0.43 8.82
N ALA A 16 -6.10 -0.46 9.77
CA ALA A 16 -6.07 -1.91 9.56
C ALA A 16 -7.22 -2.43 8.65
N LYS A 17 -8.23 -1.58 8.36
CA LYS A 17 -9.38 -1.90 7.51
C LYS A 17 -9.11 -1.52 6.05
N GLU A 18 -8.54 -0.34 5.80
CA GLU A 18 -8.15 0.11 4.46
C GLU A 18 -7.01 -0.73 3.87
N LEU A 19 -6.31 -1.48 4.72
CA LEU A 19 -5.25 -2.42 4.37
C LEU A 19 -5.71 -3.48 3.35
N GLU A 20 -6.98 -3.88 3.38
CA GLU A 20 -7.54 -4.83 2.41
C GLU A 20 -7.61 -4.22 0.99
N SER A 21 -7.88 -2.92 0.88
CA SER A 21 -7.83 -2.19 -0.40
C SER A 21 -6.38 -1.95 -0.82
N HIS A 22 -5.48 -1.74 0.16
CA HIS A 22 -4.04 -1.55 -0.04
C HIS A 22 -3.45 -2.74 -0.80
N ARG A 23 -3.56 -3.97 -0.27
CA ARG A 23 -3.05 -5.19 -0.93
C ARG A 23 -3.62 -5.44 -2.33
N GLN A 24 -4.91 -5.15 -2.55
CA GLN A 24 -5.56 -5.28 -3.86
C GLN A 24 -5.08 -4.22 -4.87
N SER A 25 -4.48 -3.13 -4.40
CA SER A 25 -3.90 -2.08 -5.24
C SER A 25 -2.42 -2.37 -5.50
N CYS A 26 -1.66 -2.80 -4.47
CA CYS A 26 -0.25 -3.21 -4.56
C CYS A 26 0.00 -4.31 -5.59
N ILE A 27 -0.84 -5.35 -5.60
CA ILE A 27 -0.74 -6.47 -6.56
C ILE A 27 -0.84 -6.01 -8.03
N ASN A 28 -1.38 -4.81 -8.26
CA ASN A 28 -1.53 -4.13 -9.55
C ASN A 28 -0.61 -2.88 -9.68
N GLY A 29 0.30 -2.64 -8.71
CA GLY A 29 1.25 -1.54 -8.70
C GLY A 29 0.65 -0.15 -8.42
N GLN A 30 -0.54 -0.06 -7.83
CA GLN A 30 -1.26 1.20 -7.59
C GLN A 30 -1.49 1.50 -6.09
N CYS A 31 -1.72 2.77 -5.74
CA CYS A 31 -2.07 3.23 -4.40
C CYS A 31 -3.61 3.24 -4.23
N PRO A 32 -4.16 2.78 -3.09
CA PRO A 32 -5.62 2.70 -2.86
C PRO A 32 -6.38 4.04 -2.80
N TYR A 33 -5.71 5.19 -2.67
CA TYR A 33 -6.39 6.50 -2.54
C TYR A 33 -5.88 7.64 -3.43
N CYS A 34 -4.56 7.83 -3.60
CA CYS A 34 -4.05 8.89 -4.50
C CYS A 34 -4.00 8.41 -5.98
N MET A 35 -4.28 7.13 -6.20
CA MET A 35 -4.35 6.40 -7.48
C MET A 35 -3.04 6.37 -8.30
N THR A 36 -1.92 6.86 -7.75
CA THR A 36 -0.58 6.83 -8.38
C THR A 36 -0.18 5.39 -8.70
N ILE A 37 0.53 5.18 -9.83
CA ILE A 37 0.96 3.86 -10.30
C ILE A 37 2.49 3.81 -10.45
N THR A 38 3.06 2.69 -10.02
CA THR A 38 4.49 2.30 -10.05
C THR A 38 4.58 0.80 -10.37
N GLU A 39 5.78 0.20 -10.34
CA GLU A 39 5.93 -1.25 -10.48
C GLU A 39 5.27 -1.96 -9.27
N ALA A 40 4.77 -3.17 -9.46
CA ALA A 40 4.14 -3.96 -8.38
C ALA A 40 5.16 -4.59 -7.39
N THR A 41 6.44 -4.24 -7.50
CA THR A 41 7.53 -4.72 -6.63
C THR A 41 7.56 -4.01 -5.28
N GLU A 42 8.03 -4.70 -4.24
CA GLU A 42 8.16 -4.14 -2.88
C GLU A 42 9.08 -2.91 -2.84
N SER A 43 10.20 -2.94 -3.57
CA SER A 43 11.16 -1.83 -3.66
C SER A 43 10.52 -0.54 -4.22
N ALA A 44 9.63 -0.68 -5.20
CA ALA A 44 8.91 0.47 -5.79
C ALA A 44 7.73 0.92 -4.91
N LEU A 45 6.98 -0.02 -4.33
CA LEU A 45 5.82 0.30 -3.49
C LEU A 45 6.19 0.90 -2.13
N GLN A 46 7.20 0.38 -1.43
CA GLN A 46 7.64 0.95 -0.15
C GLN A 46 8.08 2.42 -0.31
N ALA A 47 8.79 2.74 -1.39
CA ALA A 47 9.20 4.11 -1.70
C ALA A 47 7.99 5.06 -1.84
N HIS A 48 6.86 4.56 -2.37
CA HIS A 48 5.62 5.33 -2.48
C HIS A 48 4.90 5.45 -1.14
N TYR A 49 4.76 4.39 -0.34
CA TYR A 49 4.09 4.50 0.97
C TYR A 49 4.89 5.35 1.98
N SER A 50 6.20 5.52 1.75
CA SER A 50 7.04 6.47 2.50
C SER A 50 6.72 7.93 2.06
N ILE A 51 6.11 8.11 0.88
CA ILE A 51 5.72 9.36 0.24
C ILE A 51 4.24 9.71 0.52
N CYS A 52 3.39 8.69 0.71
CA CYS A 52 1.93 8.80 0.79
C CYS A 52 1.34 8.42 2.16
N LYS A 53 0.32 9.17 2.59
CA LYS A 53 -0.48 8.97 3.81
C LYS A 53 -1.98 9.20 3.59
N LEU A 54 -2.40 9.41 2.33
CA LEU A 54 -3.80 9.59 1.92
C LEU A 54 -4.61 8.29 1.92
N THR A 55 -3.96 7.14 2.16
CA THR A 55 -4.46 5.75 2.19
C THR A 55 -5.63 5.44 3.16
N GLY A 56 -6.18 6.45 3.81
CA GLY A 56 -7.35 6.39 4.69
C GLY A 56 -7.92 7.78 5.01
N ARG A 57 -7.76 8.74 4.08
CA ARG A 57 -8.22 10.14 4.21
C ARG A 57 -9.71 10.29 4.56
N MET A 1 4.07 -8.15 14.72
CA MET A 1 4.17 -7.52 13.38
C MET A 1 3.61 -8.46 12.31
N GLY A 2 2.53 -8.06 11.64
CA GLY A 2 1.89 -8.85 10.56
C GLY A 2 0.38 -8.65 10.42
N SER A 3 -0.35 -8.58 11.55
CA SER A 3 -1.82 -8.41 11.61
C SER A 3 -2.37 -7.14 10.95
N MET A 4 -1.56 -6.08 10.84
CA MET A 4 -1.91 -4.78 10.26
C MET A 4 -0.92 -4.36 9.13
N VAL A 5 -0.35 -5.36 8.45
CA VAL A 5 0.70 -5.18 7.42
C VAL A 5 0.28 -5.86 6.10
N CYS A 6 0.54 -5.19 4.98
CA CYS A 6 0.19 -5.62 3.63
C CYS A 6 0.78 -7.00 3.23
N ASP A 7 0.07 -7.71 2.35
CA ASP A 7 0.48 -9.01 1.82
C ASP A 7 1.49 -8.92 0.65
N VAL A 8 1.68 -7.74 0.04
CA VAL A 8 2.56 -7.52 -1.11
C VAL A 8 3.76 -6.60 -0.79
N CYS A 9 3.52 -5.32 -0.47
CA CYS A 9 4.59 -4.37 -0.14
C CYS A 9 5.12 -4.50 1.30
N HIS A 10 4.43 -5.30 2.13
CA HIS A 10 4.70 -5.54 3.54
C HIS A 10 4.89 -4.27 4.39
N HIS A 11 4.08 -3.25 4.08
CA HIS A 11 4.02 -1.94 4.76
C HIS A 11 2.70 -1.81 5.55
N GLU A 12 2.66 -0.90 6.52
CA GLU A 12 1.48 -0.58 7.33
C GLU A 12 0.46 0.27 6.54
N CYS A 13 -0.80 0.29 6.98
CA CYS A 13 -1.91 1.07 6.38
C CYS A 13 -2.65 1.89 7.47
N GLU A 14 -3.47 2.86 7.05
CA GLU A 14 -4.25 3.75 7.93
C GLU A 14 -5.12 2.98 8.95
N THR A 15 -5.79 1.91 8.51
CA THR A 15 -6.64 1.04 9.37
C THR A 15 -6.54 -0.43 8.93
N ALA A 16 -6.99 -1.35 9.78
CA ALA A 16 -7.06 -2.78 9.46
C ALA A 16 -8.12 -3.12 8.37
N LYS A 17 -9.03 -2.19 8.06
CA LYS A 17 -10.06 -2.31 7.02
C LYS A 17 -9.54 -1.80 5.68
N GLU A 18 -8.88 -0.63 5.68
CA GLU A 18 -8.26 -0.05 4.48
C GLU A 18 -7.07 -0.90 3.98
N LEU A 19 -6.54 -1.79 4.83
CA LEU A 19 -5.48 -2.75 4.52
C LEU A 19 -5.85 -3.67 3.35
N GLU A 20 -7.12 -4.03 3.21
CA GLU A 20 -7.62 -4.84 2.08
C GLU A 20 -7.49 -4.05 0.77
N SER A 21 -7.90 -2.77 0.79
CA SER A 21 -7.77 -1.83 -0.33
C SER A 21 -6.31 -1.60 -0.71
N HIS A 22 -5.39 -1.68 0.26
CA HIS A 22 -3.95 -1.54 0.08
C HIS A 22 -3.39 -2.75 -0.70
N ARG A 23 -3.54 -3.98 -0.19
CA ARG A 23 -3.02 -5.20 -0.84
C ARG A 23 -3.58 -5.47 -2.24
N GLN A 24 -4.88 -5.25 -2.48
CA GLN A 24 -5.48 -5.41 -3.81
C GLN A 24 -4.98 -4.37 -4.84
N SER A 25 -4.43 -3.25 -4.36
CA SER A 25 -3.83 -2.23 -5.22
C SER A 25 -2.35 -2.56 -5.49
N CYS A 26 -1.58 -2.93 -4.46
CA CYS A 26 -0.17 -3.33 -4.56
C CYS A 26 0.09 -4.43 -5.58
N ILE A 27 -0.74 -5.49 -5.59
CA ILE A 27 -0.62 -6.61 -6.52
C ILE A 27 -0.70 -6.18 -8.01
N ASN A 28 -1.24 -4.99 -8.27
CA ASN A 28 -1.38 -4.34 -9.59
C ASN A 28 -0.52 -3.07 -9.73
N GLY A 29 0.34 -2.78 -8.75
CA GLY A 29 1.24 -1.61 -8.73
C GLY A 29 0.58 -0.27 -8.41
N GLN A 30 -0.68 -0.27 -7.99
CA GLN A 30 -1.46 0.91 -7.63
C GLN A 30 -1.35 1.23 -6.13
N CYS A 31 -1.54 2.51 -5.79
CA CYS A 31 -1.66 3.03 -4.44
C CYS A 31 -3.13 3.42 -4.18
N PRO A 32 -3.75 3.02 -3.05
CA PRO A 32 -5.14 3.37 -2.76
C PRO A 32 -5.30 4.89 -2.57
N TYR A 33 -6.54 5.37 -2.80
CA TYR A 33 -7.05 6.74 -2.71
C TYR A 33 -6.33 7.88 -3.48
N CYS A 34 -4.99 7.95 -3.53
CA CYS A 34 -4.27 8.94 -4.35
C CYS A 34 -4.10 8.47 -5.82
N MET A 35 -4.35 7.18 -6.07
CA MET A 35 -4.34 6.46 -7.35
C MET A 35 -3.02 6.50 -8.14
N THR A 36 -1.88 6.71 -7.49
CA THR A 36 -0.55 6.63 -8.14
C THR A 36 -0.28 5.17 -8.56
N ILE A 37 0.43 4.96 -9.68
CA ILE A 37 0.76 3.62 -10.21
C ILE A 37 2.26 3.53 -10.53
N THR A 38 2.88 2.38 -10.22
CA THR A 38 4.31 2.09 -10.44
C THR A 38 4.58 0.59 -10.73
N GLU A 39 5.84 0.16 -10.68
CA GLU A 39 6.41 -1.16 -11.01
C GLU A 39 5.82 -2.41 -10.34
N ALA A 40 4.93 -2.28 -9.34
CA ALA A 40 4.30 -3.39 -8.61
C ALA A 40 5.25 -4.26 -7.75
N THR A 41 6.51 -3.84 -7.58
CA THR A 41 7.50 -4.52 -6.72
C THR A 41 7.45 -3.95 -5.30
N GLU A 42 7.77 -4.74 -4.28
CA GLU A 42 7.76 -4.28 -2.89
C GLU A 42 8.68 -3.07 -2.66
N SER A 43 9.80 -2.97 -3.40
CA SER A 43 10.74 -1.85 -3.31
C SER A 43 10.13 -0.56 -3.86
N ALA A 44 9.46 -0.61 -5.01
CA ALA A 44 8.80 0.55 -5.62
C ALA A 44 7.59 1.02 -4.81
N LEU A 45 6.81 0.09 -4.26
CA LEU A 45 5.64 0.37 -3.45
C LEU A 45 6.03 0.98 -2.09
N GLN A 46 6.99 0.37 -1.36
CA GLN A 46 7.49 0.94 -0.10
C GLN A 46 8.09 2.35 -0.30
N ALA A 47 8.78 2.60 -1.42
CA ALA A 47 9.32 3.92 -1.75
C ALA A 47 8.19 4.98 -1.87
N HIS A 48 7.02 4.59 -2.40
CA HIS A 48 5.85 5.48 -2.47
C HIS A 48 5.23 5.69 -1.08
N TYR A 49 4.98 4.63 -0.32
CA TYR A 49 4.40 4.73 1.03
C TYR A 49 5.29 5.47 2.03
N SER A 50 6.59 5.59 1.77
CA SER A 50 7.51 6.41 2.58
C SER A 50 7.14 7.91 2.54
N ILE A 51 6.39 8.35 1.51
CA ILE A 51 5.92 9.73 1.29
C ILE A 51 4.38 9.86 1.16
N CYS A 52 3.64 8.74 1.15
CA CYS A 52 2.17 8.70 0.99
C CYS A 52 1.42 8.14 2.21
N LYS A 53 0.47 8.93 2.72
CA LYS A 53 -0.48 8.56 3.78
C LYS A 53 -1.94 8.83 3.42
N LEU A 54 -2.21 9.13 2.14
CA LEU A 54 -3.57 9.35 1.60
C LEU A 54 -4.34 8.03 1.44
N THR A 55 -3.65 6.90 1.61
CA THR A 55 -4.07 5.49 1.50
C THR A 55 -5.38 5.08 2.17
N GLY A 56 -5.91 5.88 3.08
CA GLY A 56 -7.18 5.66 3.79
C GLY A 56 -7.96 6.97 4.01
N ARG A 57 -7.84 7.92 3.07
CA ARG A 57 -8.46 9.26 3.10
C ARG A 57 -9.95 9.30 3.49
N MET A 1 5.89 -8.55 9.98
CA MET A 1 4.78 -9.54 9.87
C MET A 1 3.72 -9.28 10.93
N GLY A 2 2.46 -9.10 10.51
CA GLY A 2 1.32 -8.85 11.41
C GLY A 2 0.00 -8.58 10.66
N SER A 3 -1.12 -8.63 11.37
CA SER A 3 -2.48 -8.39 10.84
C SER A 3 -2.76 -6.96 10.35
N MET A 4 -1.86 -6.02 10.63
CA MET A 4 -1.92 -4.60 10.27
C MET A 4 -0.94 -4.24 9.13
N VAL A 5 -0.40 -5.26 8.43
CA VAL A 5 0.63 -5.12 7.39
C VAL A 5 0.19 -5.81 6.08
N CYS A 6 0.44 -5.15 4.94
CA CYS A 6 0.10 -5.61 3.60
C CYS A 6 0.74 -6.95 3.20
N ASP A 7 0.07 -7.70 2.32
CA ASP A 7 0.53 -8.99 1.79
C ASP A 7 1.50 -8.87 0.61
N VAL A 8 1.70 -7.67 0.03
CA VAL A 8 2.54 -7.42 -1.15
C VAL A 8 3.73 -6.50 -0.85
N CYS A 9 3.51 -5.26 -0.42
CA CYS A 9 4.57 -4.30 -0.09
C CYS A 9 5.08 -4.42 1.36
N HIS A 10 4.42 -5.24 2.17
CA HIS A 10 4.67 -5.45 3.59
C HIS A 10 4.85 -4.17 4.43
N HIS A 11 4.01 -3.17 4.13
CA HIS A 11 3.92 -1.87 4.81
C HIS A 11 2.55 -1.73 5.51
N GLU A 12 2.46 -0.82 6.48
CA GLU A 12 1.22 -0.50 7.20
C GLU A 12 0.29 0.43 6.39
N CYS A 13 -0.94 0.61 6.89
CA CYS A 13 -1.99 1.46 6.30
C CYS A 13 -2.67 2.32 7.39
N GLU A 14 -3.49 3.30 6.99
CA GLU A 14 -4.23 4.19 7.90
C GLU A 14 -5.11 3.41 8.91
N THR A 15 -5.76 2.33 8.45
CA THR A 15 -6.63 1.45 9.25
C THR A 15 -6.49 -0.01 8.82
N ALA A 16 -6.97 -0.95 9.66
CA ALA A 16 -6.98 -2.38 9.35
C ALA A 16 -8.03 -2.74 8.27
N LYS A 17 -8.97 -1.83 7.95
CA LYS A 17 -10.02 -1.99 6.93
C LYS A 17 -9.51 -1.52 5.56
N GLU A 18 -8.87 -0.36 5.51
CA GLU A 18 -8.24 0.20 4.29
C GLU A 18 -7.07 -0.67 3.81
N LEU A 19 -6.53 -1.53 4.68
CA LEU A 19 -5.49 -2.50 4.38
C LEU A 19 -5.89 -3.46 3.22
N GLU A 20 -7.19 -3.76 3.11
CA GLU A 20 -7.73 -4.57 2.00
C GLU A 20 -7.56 -3.80 0.67
N SER A 21 -7.91 -2.51 0.66
CA SER A 21 -7.73 -1.61 -0.49
C SER A 21 -6.24 -1.46 -0.83
N HIS A 22 -5.35 -1.52 0.18
CA HIS A 22 -3.90 -1.46 0.02
C HIS A 22 -3.39 -2.67 -0.76
N ARG A 23 -3.59 -3.90 -0.27
CA ARG A 23 -3.12 -5.13 -0.94
C ARG A 23 -3.65 -5.34 -2.36
N GLN A 24 -4.95 -5.06 -2.61
CA GLN A 24 -5.53 -5.19 -3.95
C GLN A 24 -5.00 -4.14 -4.94
N SER A 25 -4.43 -3.03 -4.45
CA SER A 25 -3.80 -2.01 -5.27
C SER A 25 -2.32 -2.38 -5.52
N CYS A 26 -1.59 -2.79 -4.48
CA CYS A 26 -0.19 -3.23 -4.53
C CYS A 26 0.06 -4.34 -5.55
N ILE A 27 -0.80 -5.37 -5.59
CA ILE A 27 -0.71 -6.50 -6.52
C ILE A 27 -0.75 -6.05 -8.01
N ASN A 28 -1.25 -4.83 -8.27
CA ASN A 28 -1.34 -4.17 -9.57
C ASN A 28 -0.38 -2.95 -9.70
N GLY A 29 0.50 -2.71 -8.72
CA GLY A 29 1.46 -1.60 -8.71
C GLY A 29 0.86 -0.23 -8.38
N GLN A 30 -0.36 -0.18 -7.83
CA GLN A 30 -1.09 1.04 -7.51
C GLN A 30 -1.19 1.28 -5.99
N CYS A 31 -1.48 2.53 -5.59
CA CYS A 31 -1.69 2.98 -4.23
C CYS A 31 -3.19 3.30 -3.98
N PRO A 32 -3.80 2.90 -2.84
CA PRO A 32 -5.20 3.21 -2.56
C PRO A 32 -5.42 4.73 -2.39
N TYR A 33 -6.67 5.16 -2.60
CA TYR A 33 -7.21 6.53 -2.50
C TYR A 33 -6.52 7.69 -3.28
N CYS A 34 -5.21 7.65 -3.55
CA CYS A 34 -4.53 8.65 -4.41
C CYS A 34 -4.39 8.11 -5.86
N MET A 35 -4.53 6.79 -6.02
CA MET A 35 -4.51 6.02 -7.28
C MET A 35 -3.23 6.12 -8.13
N THR A 36 -2.13 6.64 -7.57
CA THR A 36 -0.82 6.71 -8.24
C THR A 36 -0.33 5.29 -8.58
N ILE A 37 0.36 5.12 -9.73
CA ILE A 37 0.87 3.82 -10.21
C ILE A 37 2.40 3.85 -10.40
N THR A 38 3.03 2.73 -10.06
CA THR A 38 4.46 2.41 -10.19
C THR A 38 4.60 0.89 -10.41
N GLU A 39 5.80 0.30 -10.30
CA GLU A 39 5.98 -1.15 -10.46
C GLU A 39 5.36 -1.91 -9.27
N ALA A 40 4.88 -3.14 -9.50
CA ALA A 40 4.28 -4.00 -8.47
C ALA A 40 5.30 -4.62 -7.48
N THR A 41 6.58 -4.26 -7.59
CA THR A 41 7.66 -4.75 -6.71
C THR A 41 7.64 -4.07 -5.34
N GLU A 42 8.06 -4.78 -4.30
CA GLU A 42 8.12 -4.25 -2.94
C GLU A 42 8.99 -2.99 -2.83
N SER A 43 10.14 -2.97 -3.50
CA SER A 43 11.07 -1.84 -3.54
C SER A 43 10.42 -0.56 -4.10
N ALA A 44 9.59 -0.69 -5.15
CA ALA A 44 8.89 0.43 -5.76
C ALA A 44 7.67 0.86 -4.93
N LEU A 45 6.93 -0.10 -4.34
CA LEU A 45 5.76 0.19 -3.52
C LEU A 45 6.13 0.85 -2.19
N GLN A 46 7.13 0.33 -1.47
CA GLN A 46 7.59 0.93 -0.21
C GLN A 46 8.12 2.36 -0.42
N ALA A 47 8.77 2.63 -1.56
CA ALA A 47 9.22 3.98 -1.91
C ALA A 47 8.03 4.96 -2.01
N HIS A 48 6.89 4.52 -2.56
CA HIS A 48 5.68 5.33 -2.61
C HIS A 48 5.02 5.46 -1.22
N TYR A 49 4.86 4.38 -0.47
CA TYR A 49 4.26 4.45 0.88
C TYR A 49 5.08 5.28 1.88
N SER A 50 6.37 5.47 1.63
CA SER A 50 7.24 6.37 2.39
C SER A 50 6.96 7.86 2.06
N ILE A 51 6.33 8.13 0.91
CA ILE A 51 5.96 9.44 0.38
C ILE A 51 4.48 9.77 0.68
N CYS A 52 3.64 8.74 0.67
CA CYS A 52 2.19 8.86 0.71
C CYS A 52 1.55 8.69 2.10
N LYS A 53 0.44 9.40 2.30
CA LYS A 53 -0.43 9.38 3.50
C LYS A 53 -1.92 9.53 3.14
N LEU A 54 -2.27 9.51 1.86
CA LEU A 54 -3.64 9.64 1.33
C LEU A 54 -4.39 8.30 1.33
N THR A 55 -3.73 7.19 1.65
CA THR A 55 -4.22 5.79 1.66
C THR A 55 -5.54 5.53 2.40
N GLY A 56 -5.98 6.44 3.26
CA GLY A 56 -7.24 6.39 4.01
C GLY A 56 -7.84 7.79 4.27
N ARG A 57 -7.59 8.74 3.35
CA ARG A 57 -8.06 10.14 3.41
C ARG A 57 -9.57 10.31 3.65
N MET A 1 6.73 -9.19 11.67
CA MET A 1 5.61 -9.16 10.68
C MET A 1 4.38 -9.86 11.25
N GLY A 2 3.18 -9.41 10.89
CA GLY A 2 1.90 -9.96 11.35
C GLY A 2 0.70 -9.50 10.52
N SER A 3 -0.52 -9.80 10.98
CA SER A 3 -1.80 -9.50 10.33
C SER A 3 -2.05 -8.04 9.93
N MET A 4 -1.29 -7.09 10.49
CA MET A 4 -1.38 -5.64 10.21
C MET A 4 -0.47 -5.20 9.03
N VAL A 5 0.17 -6.14 8.32
CA VAL A 5 1.11 -5.86 7.21
C VAL A 5 0.61 -6.45 5.88
N CYS A 6 0.78 -5.69 4.79
CA CYS A 6 0.38 -6.03 3.42
C CYS A 6 1.07 -7.31 2.88
N ASP A 7 0.34 -8.08 2.07
CA ASP A 7 0.82 -9.31 1.42
C ASP A 7 1.77 -9.08 0.22
N VAL A 8 1.87 -7.86 -0.31
CA VAL A 8 2.67 -7.52 -1.49
C VAL A 8 3.86 -6.60 -1.18
N CYS A 9 3.62 -5.39 -0.68
CA CYS A 9 4.68 -4.41 -0.37
C CYS A 9 5.24 -4.52 1.06
N HIS A 10 4.74 -5.48 1.85
CA HIS A 10 5.13 -5.74 3.23
C HIS A 10 5.23 -4.47 4.10
N HIS A 11 4.28 -3.55 3.89
CA HIS A 11 4.15 -2.27 4.59
C HIS A 11 2.82 -2.20 5.39
N GLU A 12 2.70 -1.21 6.27
CA GLU A 12 1.51 -0.97 7.11
C GLU A 12 0.52 -0.01 6.41
N CYS A 13 -0.71 0.09 6.93
CA CYS A 13 -1.79 0.97 6.47
C CYS A 13 -2.42 1.72 7.67
N GLU A 14 -3.18 2.79 7.43
CA GLU A 14 -3.83 3.58 8.49
C GLU A 14 -4.78 2.77 9.39
N THR A 15 -5.46 1.75 8.85
CA THR A 15 -6.37 0.85 9.58
C THR A 15 -6.28 -0.60 9.08
N ALA A 16 -6.69 -1.57 9.91
CA ALA A 16 -6.71 -2.99 9.54
C ALA A 16 -7.76 -3.32 8.45
N LYS A 17 -8.71 -2.42 8.21
CA LYS A 17 -9.76 -2.53 7.16
C LYS A 17 -9.20 -2.02 5.84
N GLU A 18 -8.58 -0.84 5.86
CA GLU A 18 -7.94 -0.23 4.67
C GLU A 18 -6.72 -1.03 4.22
N LEU A 19 -6.20 -1.93 5.05
CA LEU A 19 -5.14 -2.88 4.71
C LEU A 19 -5.60 -3.87 3.63
N GLU A 20 -6.90 -4.17 3.56
CA GLU A 20 -7.51 -4.99 2.49
C GLU A 20 -7.54 -4.17 1.18
N SER A 21 -7.77 -2.86 1.27
CA SER A 21 -7.71 -1.90 0.15
C SER A 21 -6.27 -1.75 -0.36
N HIS A 22 -5.29 -1.86 0.54
CA HIS A 22 -3.85 -1.76 0.29
C HIS A 22 -3.37 -2.90 -0.62
N ARG A 23 -3.46 -4.16 -0.16
CA ARG A 23 -3.00 -5.35 -0.91
C ARG A 23 -3.62 -5.54 -2.30
N GLN A 24 -4.92 -5.27 -2.45
CA GLN A 24 -5.63 -5.37 -3.73
C GLN A 24 -5.19 -4.31 -4.76
N SER A 25 -4.56 -3.23 -4.31
CA SER A 25 -4.01 -2.16 -5.17
C SER A 25 -2.52 -2.42 -5.47
N CYS A 26 -1.75 -2.87 -4.47
CA CYS A 26 -0.34 -3.25 -4.59
C CYS A 26 -0.08 -4.31 -5.66
N ILE A 27 -0.95 -5.32 -5.77
CA ILE A 27 -0.83 -6.41 -6.77
C ILE A 27 -0.82 -5.89 -8.23
N ASN A 28 -1.31 -4.66 -8.45
CA ASN A 28 -1.32 -3.94 -9.74
C ASN A 28 -0.37 -2.72 -9.76
N GLY A 29 0.48 -2.56 -8.72
CA GLY A 29 1.44 -1.46 -8.59
C GLY A 29 0.80 -0.08 -8.37
N GLN A 30 -0.41 -0.02 -7.82
CA GLN A 30 -1.21 1.20 -7.65
C GLN A 30 -1.50 1.55 -6.17
N CYS A 31 -1.61 2.84 -5.87
CA CYS A 31 -1.99 3.34 -4.54
C CYS A 31 -3.53 3.27 -4.35
N PRO A 32 -4.03 2.80 -3.18
CA PRO A 32 -5.47 2.67 -2.90
C PRO A 32 -6.36 3.89 -3.16
N TYR A 33 -5.87 5.14 -2.97
CA TYR A 33 -6.70 6.35 -3.11
C TYR A 33 -6.08 7.57 -3.80
N CYS A 34 -4.75 7.77 -3.82
CA CYS A 34 -4.15 8.92 -4.53
C CYS A 34 -3.96 8.65 -6.05
N MET A 35 -4.25 7.41 -6.47
CA MET A 35 -4.18 6.88 -7.83
C MET A 35 -2.77 6.87 -8.47
N THR A 36 -1.70 7.07 -7.67
CA THR A 36 -0.31 6.96 -8.17
C THR A 36 -0.04 5.51 -8.59
N ILE A 37 0.73 5.32 -9.68
CA ILE A 37 1.08 4.01 -10.24
C ILE A 37 2.60 3.91 -10.46
N THR A 38 3.15 2.75 -10.14
CA THR A 38 4.57 2.37 -10.26
C THR A 38 4.66 0.84 -10.45
N GLU A 39 5.84 0.23 -10.31
CA GLU A 39 5.99 -1.24 -10.41
C GLU A 39 5.27 -1.96 -9.25
N ALA A 40 4.84 -3.20 -9.49
CA ALA A 40 4.19 -4.04 -8.48
C ALA A 40 5.17 -4.63 -7.44
N THR A 41 6.47 -4.31 -7.54
CA THR A 41 7.53 -4.76 -6.63
C THR A 41 7.43 -4.08 -5.27
N GLU A 42 7.83 -4.79 -4.21
CA GLU A 42 7.86 -4.24 -2.85
C GLU A 42 8.75 -3.00 -2.74
N SER A 43 9.90 -2.96 -3.42
CA SER A 43 10.82 -1.81 -3.42
C SER A 43 10.17 -0.53 -3.96
N ALA A 44 9.43 -0.62 -5.08
CA ALA A 44 8.73 0.52 -5.68
C ALA A 44 7.54 0.99 -4.82
N LEU A 45 6.76 0.04 -4.30
CA LEU A 45 5.61 0.34 -3.45
C LEU A 45 6.03 0.89 -2.07
N GLN A 46 7.11 0.39 -1.46
CA GLN A 46 7.63 0.94 -0.20
C GLN A 46 8.10 2.39 -0.40
N ALA A 47 8.75 2.71 -1.53
CA ALA A 47 9.14 4.07 -1.87
C ALA A 47 7.90 4.99 -1.98
N HIS A 48 6.80 4.50 -2.58
CA HIS A 48 5.52 5.21 -2.65
C HIS A 48 4.93 5.46 -1.26
N TYR A 49 4.72 4.40 -0.46
CA TYR A 49 4.12 4.51 0.87
C TYR A 49 4.98 5.30 1.88
N SER A 50 6.29 5.45 1.64
CA SER A 50 7.16 6.31 2.44
C SER A 50 6.79 7.80 2.31
N ILE A 51 6.07 8.19 1.24
CA ILE A 51 5.65 9.58 0.95
C ILE A 51 4.12 9.76 0.84
N CYS A 52 3.33 8.69 1.04
CA CYS A 52 1.87 8.67 0.94
C CYS A 52 1.19 8.15 2.22
N LYS A 53 0.14 8.86 2.66
CA LYS A 53 -0.69 8.54 3.84
C LYS A 53 -2.19 8.53 3.55
N LEU A 54 -2.60 8.82 2.31
CA LEU A 54 -4.00 8.78 1.85
C LEU A 54 -4.54 7.33 1.72
N THR A 55 -3.69 6.32 1.91
CA THR A 55 -3.95 4.88 1.85
C THR A 55 -5.15 4.39 2.67
N GLY A 56 -5.52 5.12 3.73
CA GLY A 56 -6.66 4.81 4.58
C GLY A 56 -7.14 6.01 5.41
N ARG A 57 -7.03 7.22 4.85
CA ARG A 57 -7.38 8.51 5.46
C ARG A 57 -8.37 9.28 4.59
N MET A 1 5.85 -9.52 8.95
CA MET A 1 4.43 -9.95 8.79
C MET A 1 3.63 -9.65 10.04
N GLY A 2 2.38 -9.18 9.89
CA GLY A 2 1.46 -8.87 11.00
C GLY A 2 0.10 -8.35 10.53
N SER A 3 -0.84 -8.16 11.46
CA SER A 3 -2.21 -7.67 11.21
C SER A 3 -2.30 -6.25 10.62
N MET A 4 -1.20 -5.49 10.64
CA MET A 4 -1.07 -4.11 10.14
C MET A 4 -0.03 -4.00 8.99
N VAL A 5 0.27 -5.12 8.32
CA VAL A 5 1.30 -5.21 7.25
C VAL A 5 0.73 -5.85 5.98
N CYS A 6 0.89 -5.17 4.84
CA CYS A 6 0.39 -5.60 3.52
C CYS A 6 0.94 -6.94 3.03
N ASP A 7 0.12 -7.66 2.27
CA ASP A 7 0.42 -8.95 1.65
C ASP A 7 1.37 -8.86 0.43
N VAL A 8 1.62 -7.65 -0.11
CA VAL A 8 2.46 -7.40 -1.28
C VAL A 8 3.66 -6.50 -0.96
N CYS A 9 3.45 -5.22 -0.61
CA CYS A 9 4.53 -4.27 -0.32
C CYS A 9 5.12 -4.41 1.11
N HIS A 10 4.50 -5.20 1.97
CA HIS A 10 4.90 -5.40 3.36
C HIS A 10 5.07 -4.10 4.18
N HIS A 11 4.22 -3.11 3.87
CA HIS A 11 4.12 -1.79 4.51
C HIS A 11 2.72 -1.63 5.12
N GLU A 12 2.58 -0.72 6.09
CA GLU A 12 1.31 -0.39 6.73
C GLU A 12 0.42 0.56 5.88
N CYS A 13 -0.82 0.76 6.33
CA CYS A 13 -1.85 1.65 5.75
C CYS A 13 -2.31 2.65 6.84
N GLU A 14 -3.23 3.58 6.52
CA GLU A 14 -3.77 4.52 7.50
C GLU A 14 -4.50 3.79 8.65
N THR A 15 -5.18 2.68 8.32
CA THR A 15 -5.90 1.80 9.26
C THR A 15 -5.72 0.32 8.90
N ALA A 16 -5.96 -0.58 9.84
CA ALA A 16 -5.91 -2.04 9.62
C ALA A 16 -7.08 -2.55 8.74
N LYS A 17 -8.12 -1.72 8.52
CA LYS A 17 -9.30 -2.03 7.70
C LYS A 17 -9.04 -1.69 6.22
N GLU A 18 -8.48 -0.52 5.95
CA GLU A 18 -8.13 -0.11 4.57
C GLU A 18 -6.94 -0.90 4.01
N LEU A 19 -6.23 -1.66 4.85
CA LEU A 19 -5.13 -2.56 4.47
C LEU A 19 -5.59 -3.63 3.45
N GLU A 20 -6.87 -4.03 3.52
CA GLU A 20 -7.50 -4.96 2.57
C GLU A 20 -7.58 -4.34 1.16
N SER A 21 -7.83 -3.04 1.06
CA SER A 21 -7.83 -2.29 -0.22
C SER A 21 -6.40 -2.01 -0.69
N HIS A 22 -5.47 -1.80 0.26
CA HIS A 22 -4.04 -1.58 0.02
C HIS A 22 -3.46 -2.74 -0.79
N ARG A 23 -3.52 -3.98 -0.26
CA ARG A 23 -3.01 -5.18 -0.98
C ARG A 23 -3.63 -5.40 -2.36
N GLN A 24 -4.93 -5.13 -2.51
CA GLN A 24 -5.66 -5.23 -3.77
C GLN A 24 -5.21 -4.19 -4.82
N SER A 25 -4.55 -3.11 -4.39
CA SER A 25 -3.99 -2.07 -5.27
C SER A 25 -2.52 -2.35 -5.55
N CYS A 26 -1.75 -2.78 -4.53
CA CYS A 26 -0.34 -3.17 -4.62
C CYS A 26 -0.08 -4.28 -5.67
N ILE A 27 -0.96 -5.28 -5.74
CA ILE A 27 -0.83 -6.40 -6.70
C ILE A 27 -0.81 -5.92 -8.17
N ASN A 28 -1.30 -4.70 -8.44
CA ASN A 28 -1.30 -4.02 -9.75
C ASN A 28 -0.35 -2.79 -9.78
N GLY A 29 0.47 -2.61 -8.74
CA GLY A 29 1.45 -1.51 -8.62
C GLY A 29 0.86 -0.11 -8.36
N GLN A 30 -0.34 -0.03 -7.79
CA GLN A 30 -1.09 1.20 -7.57
C GLN A 30 -1.39 1.50 -6.09
N CYS A 31 -1.54 2.78 -5.72
CA CYS A 31 -1.94 3.24 -4.39
C CYS A 31 -3.48 3.15 -4.20
N PRO A 32 -4.01 2.70 -3.04
CA PRO A 32 -5.45 2.59 -2.79
C PRO A 32 -6.23 3.91 -2.76
N TYR A 33 -5.58 5.08 -2.67
CA TYR A 33 -6.27 6.38 -2.57
C TYR A 33 -5.79 7.50 -3.50
N CYS A 34 -4.48 7.74 -3.70
CA CYS A 34 -4.02 8.79 -4.62
C CYS A 34 -3.96 8.29 -6.09
N MET A 35 -4.21 6.99 -6.28
CA MET A 35 -4.25 6.24 -7.55
C MET A 35 -2.95 6.26 -8.37
N THR A 36 -1.85 6.79 -7.83
CA THR A 36 -0.52 6.79 -8.46
C THR A 36 -0.05 5.35 -8.74
N ILE A 37 0.67 5.14 -9.84
CA ILE A 37 1.17 3.83 -10.28
C ILE A 37 2.70 3.91 -10.49
N THR A 38 3.42 2.88 -10.04
CA THR A 38 4.88 2.74 -10.21
C THR A 38 5.18 1.33 -10.74
N GLU A 39 5.28 0.34 -9.86
CA GLU A 39 5.50 -1.08 -10.15
C GLU A 39 4.88 -1.94 -9.03
N ALA A 40 4.55 -3.21 -9.31
CA ALA A 40 4.00 -4.14 -8.31
C ALA A 40 5.05 -4.68 -7.31
N THR A 41 6.33 -4.30 -7.46
CA THR A 41 7.43 -4.72 -6.58
C THR A 41 7.35 -4.02 -5.22
N GLU A 42 7.76 -4.71 -4.15
CA GLU A 42 7.82 -4.13 -2.82
C GLU A 42 8.79 -2.94 -2.75
N SER A 43 9.86 -2.95 -3.55
CA SER A 43 10.84 -1.85 -3.63
C SER A 43 10.23 -0.54 -4.14
N ALA A 44 9.40 -0.60 -5.19
CA ALA A 44 8.73 0.57 -5.75
C ALA A 44 7.56 1.04 -4.87
N LEU A 45 6.78 0.10 -4.33
CA LEU A 45 5.64 0.39 -3.46
C LEU A 45 6.07 0.97 -2.11
N GLN A 46 7.09 0.41 -1.43
CA GLN A 46 7.59 0.98 -0.16
C GLN A 46 8.10 2.42 -0.35
N ALA A 47 8.77 2.71 -1.47
CA ALA A 47 9.23 4.07 -1.78
C ALA A 47 8.03 5.03 -1.92
N HIS A 48 6.93 4.59 -2.55
CA HIS A 48 5.70 5.38 -2.66
C HIS A 48 5.00 5.55 -1.31
N TYR A 49 4.75 4.48 -0.55
CA TYR A 49 4.08 4.58 0.74
C TYR A 49 4.88 5.35 1.81
N SER A 50 6.20 5.49 1.62
CA SER A 50 7.05 6.36 2.45
C SER A 50 6.80 7.85 2.13
N ILE A 51 6.22 8.16 0.97
CA ILE A 51 5.89 9.48 0.44
C ILE A 51 4.41 9.82 0.69
N CYS A 52 3.54 8.81 0.60
CA CYS A 52 2.11 8.95 0.59
C CYS A 52 1.40 8.79 1.95
N LYS A 53 0.61 9.80 2.30
CA LYS A 53 -0.25 9.87 3.50
C LYS A 53 -1.74 9.99 3.13
N LEU A 54 -2.05 9.98 1.83
CA LEU A 54 -3.41 10.07 1.27
C LEU A 54 -4.21 8.75 1.45
N THR A 55 -3.59 7.68 1.96
CA THR A 55 -4.10 6.32 2.23
C THR A 55 -5.32 6.19 3.15
N GLY A 56 -6.00 7.30 3.43
CA GLY A 56 -7.24 7.43 4.21
C GLY A 56 -7.90 8.81 4.08
N ARG A 57 -7.61 9.54 2.98
CA ARG A 57 -8.13 10.89 2.70
C ARG A 57 -9.67 11.02 2.71
N MET A 1 4.16 -5.91 13.17
CA MET A 1 4.33 -7.37 12.98
C MET A 1 3.61 -7.88 11.73
N GLY A 2 2.26 -7.93 11.72
CA GLY A 2 1.50 -8.42 10.56
C GLY A 2 -0.01 -8.09 10.52
N SER A 3 -0.66 -7.91 11.67
CA SER A 3 -2.10 -7.59 11.79
C SER A 3 -2.56 -6.33 11.05
N MET A 4 -1.67 -5.35 10.86
CA MET A 4 -1.91 -4.07 10.19
C MET A 4 -0.89 -3.81 9.07
N VAL A 5 -0.42 -4.86 8.39
CA VAL A 5 0.62 -4.82 7.34
C VAL A 5 0.13 -5.46 6.04
N CYS A 6 0.41 -4.82 4.91
CA CYS A 6 0.05 -5.28 3.56
C CYS A 6 0.76 -6.59 3.17
N ASP A 7 0.05 -7.43 2.42
CA ASP A 7 0.54 -8.72 1.92
C ASP A 7 1.61 -8.59 0.80
N VAL A 8 1.79 -7.40 0.22
CA VAL A 8 2.73 -7.13 -0.89
C VAL A 8 3.84 -6.16 -0.50
N CYS A 9 3.55 -4.87 -0.32
CA CYS A 9 4.54 -3.83 0.01
C CYS A 9 5.10 -3.88 1.46
N HIS A 10 4.57 -4.77 2.29
CA HIS A 10 4.92 -4.99 3.69
C HIS A 10 4.96 -3.69 4.54
N HIS A 11 4.07 -2.75 4.21
CA HIS A 11 3.85 -1.46 4.88
C HIS A 11 2.42 -1.39 5.44
N GLU A 12 2.17 -0.46 6.36
CA GLU A 12 0.85 -0.22 6.94
C GLU A 12 -0.06 0.64 6.03
N CYS A 13 -1.34 0.71 6.38
CA CYS A 13 -2.38 1.51 5.73
C CYS A 13 -2.96 2.51 6.75
N GLU A 14 -3.73 3.51 6.30
CA GLU A 14 -4.36 4.51 7.19
C GLU A 14 -5.22 3.84 8.28
N THR A 15 -5.90 2.72 7.96
CA THR A 15 -6.73 1.94 8.89
C THR A 15 -6.59 0.43 8.61
N ALA A 16 -6.98 -0.41 9.57
CA ALA A 16 -6.97 -1.86 9.42
C ALA A 16 -8.10 -2.36 8.46
N LYS A 17 -9.10 -1.51 8.19
CA LYS A 17 -10.23 -1.77 7.27
C LYS A 17 -9.81 -1.55 5.81
N GLU A 18 -9.15 -0.43 5.52
CA GLU A 18 -8.65 -0.12 4.18
C GLU A 18 -7.39 -0.92 3.79
N LEU A 19 -6.85 -1.71 4.72
CA LEU A 19 -5.71 -2.60 4.51
C LEU A 19 -5.95 -3.60 3.36
N GLU A 20 -7.20 -4.06 3.18
CA GLU A 20 -7.59 -4.92 2.05
C GLU A 20 -7.43 -4.14 0.74
N SER A 21 -8.01 -2.92 0.67
CA SER A 21 -7.88 -2.02 -0.49
C SER A 21 -6.42 -1.74 -0.84
N HIS A 22 -5.55 -1.66 0.17
CA HIS A 22 -4.10 -1.48 0.02
C HIS A 22 -3.49 -2.66 -0.75
N ARG A 23 -3.60 -3.90 -0.25
CA ARG A 23 -3.06 -5.09 -0.95
C ARG A 23 -3.64 -5.32 -2.34
N GLN A 24 -4.94 -5.05 -2.56
CA GLN A 24 -5.56 -5.17 -3.89
C GLN A 24 -5.06 -4.10 -4.87
N SER A 25 -4.48 -3.00 -4.39
CA SER A 25 -3.87 -1.96 -5.23
C SER A 25 -2.39 -2.30 -5.48
N CYS A 26 -1.65 -2.71 -4.44
CA CYS A 26 -0.24 -3.11 -4.51
C CYS A 26 0.01 -4.25 -5.51
N ILE A 27 -0.84 -5.28 -5.51
CA ILE A 27 -0.74 -6.42 -6.44
C ILE A 27 -0.83 -5.99 -7.92
N ASN A 28 -1.37 -4.79 -8.18
CA ASN A 28 -1.50 -4.14 -9.50
C ASN A 28 -0.54 -2.95 -9.69
N GLY A 29 0.39 -2.71 -8.74
CA GLY A 29 1.39 -1.64 -8.78
C GLY A 29 0.85 -0.22 -8.55
N GLN A 30 -0.29 -0.10 -7.87
CA GLN A 30 -1.00 1.16 -7.60
C GLN A 30 -1.23 1.42 -6.11
N CYS A 31 -1.46 2.69 -5.74
CA CYS A 31 -1.79 3.13 -4.39
C CYS A 31 -3.33 3.22 -4.18
N PRO A 32 -3.89 2.78 -3.03
CA PRO A 32 -5.31 2.98 -2.75
C PRO A 32 -5.61 4.49 -2.61
N TYR A 33 -6.82 4.92 -2.99
CA TYR A 33 -7.37 6.30 -2.97
C TYR A 33 -6.58 7.43 -3.69
N CYS A 34 -5.25 7.52 -3.57
CA CYS A 34 -4.42 8.50 -4.29
C CYS A 34 -4.24 8.08 -5.77
N MET A 35 -4.35 6.77 -6.03
CA MET A 35 -4.28 6.10 -7.33
C MET A 35 -2.94 6.24 -8.10
N THR A 36 -1.86 6.70 -7.46
CA THR A 36 -0.51 6.77 -8.05
C THR A 36 -0.05 5.36 -8.48
N ILE A 37 0.63 5.23 -9.62
CA ILE A 37 1.11 3.96 -10.18
C ILE A 37 2.64 3.99 -10.37
N THR A 38 3.29 2.85 -10.12
CA THR A 38 4.72 2.65 -10.34
C THR A 38 4.97 1.21 -10.82
N GLU A 39 5.17 0.24 -9.92
CA GLU A 39 5.34 -1.20 -10.19
C GLU A 39 4.80 -2.00 -9.00
N ALA A 40 4.45 -3.27 -9.21
CA ALA A 40 3.95 -4.16 -8.15
C ALA A 40 5.06 -4.72 -7.22
N THR A 41 6.32 -4.32 -7.44
CA THR A 41 7.47 -4.75 -6.64
C THR A 41 7.52 -4.03 -5.29
N GLU A 42 7.98 -4.72 -4.24
CA GLU A 42 8.10 -4.13 -2.90
C GLU A 42 9.06 -2.92 -2.90
N SER A 43 10.15 -2.99 -3.67
CA SER A 43 11.12 -1.89 -3.80
C SER A 43 10.49 -0.59 -4.32
N ALA A 44 9.54 -0.69 -5.26
CA ALA A 44 8.83 0.46 -5.81
C ALA A 44 7.69 0.93 -4.89
N LEU A 45 6.95 0.00 -4.28
CA LEU A 45 5.84 0.33 -3.40
C LEU A 45 6.31 0.93 -2.06
N GLN A 46 7.39 0.41 -1.48
CA GLN A 46 7.99 0.97 -0.25
C GLN A 46 8.41 2.43 -0.46
N ALA A 47 9.05 2.74 -1.60
CA ALA A 47 9.43 4.10 -1.97
C ALA A 47 8.20 5.03 -2.07
N HIS A 48 7.07 4.53 -2.60
CA HIS A 48 5.81 5.27 -2.66
C HIS A 48 5.26 5.58 -1.25
N TYR A 49 5.09 4.57 -0.38
CA TYR A 49 4.51 4.79 0.96
C TYR A 49 5.34 5.65 1.90
N SER A 50 6.66 5.78 1.67
CA SER A 50 7.52 6.72 2.41
C SER A 50 7.10 8.19 2.20
N ILE A 51 6.33 8.50 1.15
CA ILE A 51 5.88 9.86 0.78
C ILE A 51 4.35 10.03 0.63
N CYS A 52 3.55 8.99 0.89
CA CYS A 52 2.08 8.99 0.74
C CYS A 52 1.31 8.67 2.03
N LYS A 53 0.24 9.45 2.28
CA LYS A 53 -0.70 9.31 3.41
C LYS A 53 -2.17 9.51 3.00
N LEU A 54 -2.47 9.43 1.71
CA LEU A 54 -3.82 9.51 1.15
C LEU A 54 -4.43 8.11 0.93
N THR A 55 -3.77 7.06 1.43
CA THR A 55 -4.13 5.62 1.32
C THR A 55 -5.53 5.25 1.83
N GLY A 56 -6.15 6.12 2.63
CA GLY A 56 -7.51 5.97 3.17
C GLY A 56 -8.05 7.32 3.68
N ARG A 57 -7.66 8.42 3.04
CA ARG A 57 -7.96 9.81 3.41
C ARG A 57 -8.34 10.65 2.18
#